data_8XQJ
#
_entry.id   8XQJ
#
_cell.length_a   1.00
_cell.length_b   1.00
_cell.length_c   1.00
_cell.angle_alpha   90.00
_cell.angle_beta   90.00
_cell.angle_gamma   90.00
#
_symmetry.space_group_name_H-M   'P 1'
#
loop_
_entity.id
_entity.type
_entity.pdbx_description
1 polymer JN241
2 polymer 'Soluble cytochrome b562,Apelin receptor'
3 non-polymer CHOLESTEROL
#
loop_
_entity_poly.entity_id
_entity_poly.type
_entity_poly.pdbx_seq_one_letter_code
_entity_poly.pdbx_strand_id
1 'polypeptide(L)'
;MLLVNQSHQGFNKEHTSKMVSAIVLYVLLAAAAHSAFAQVQLVESGGGSVQSGGSLTLSCAASGSTYSSHCMGWFRQAPG
KEREGVALMTRSRGTSYADSVKGRFTISQDNTKNILYLQMNSLKPEDTAMYYCAAVPRAGIESGAYCKWNMKDSGSWGQG
TQVTVSS
;
A,B
2 'polypeptide(L)'
;MKTIIALSYIFCLVFADYKDDDDKHHHHHHHHHHLEVLFQGPADLEDNWETLNDNLKVIEKADNAAQVKDALTKMRAAAL
DAQKATPPKLEDKSPDSPEMKDFRHGFDILVGQIDDALKLANEGKVKEAQAAAEQLKTTRNAYIQKYLEEGGDFDNYYGA
DNQSECEYTDWKSSGALIPAIYMLVFLLGTTGNGLVLWTVFRSSREKRRSADIFIASLAVADLTFVVTLPLWATYTYRDY
DWPFGTFFCKLSSYLIFVNMYASVFCLTGLSFDRYLAIVRPVANARLRLRVSGAVATAVLWVLAALLAMPVMVLRTTGDL
ENTTKVQCYMDYSMVATVSSEWAWEVGLGVSSTTVGFVVPFTIMLTCYFFIAQTIAGHFRKERIEGLRKRRRLLSIIVVL
VVTFALCWMPYHLVKTLYMLGSLLHWPCDFDLFLMNIFPYCTCISYVNSCLNPFLYAFFDPRFRQACTSMLCCGQSR
;
C,D
#
# COMPACT_ATOMS: atom_id res chain seq x y z
N GLN A 39 26.40 -23.86 -9.57
CA GLN A 39 27.64 -24.62 -9.58
C GLN A 39 28.59 -24.13 -8.49
N VAL A 40 28.08 -23.23 -7.64
CA VAL A 40 28.89 -22.66 -6.57
C VAL A 40 29.18 -23.74 -5.53
N GLN A 41 30.45 -23.91 -5.20
CA GLN A 41 30.92 -24.97 -4.34
C GLN A 41 31.81 -24.39 -3.25
N LEU A 42 31.85 -25.05 -2.10
CA LEU A 42 32.59 -24.56 -0.95
C LEU A 42 33.38 -25.70 -0.32
N VAL A 43 34.56 -25.35 0.21
CA VAL A 43 35.44 -26.29 0.90
C VAL A 43 35.94 -25.62 2.18
N GLU A 44 35.83 -26.32 3.30
CA GLU A 44 36.26 -25.79 4.59
C GLU A 44 37.73 -26.16 4.84
N SER A 45 38.23 -25.78 6.02
CA SER A 45 39.60 -26.05 6.42
C SER A 45 39.76 -25.71 7.89
N GLY A 46 40.94 -25.96 8.43
CA GLY A 46 41.32 -25.60 9.78
C GLY A 46 40.39 -26.17 10.83
N GLY A 47 40.14 -25.37 11.87
CA GLY A 47 39.18 -25.73 12.89
C GLY A 47 39.50 -26.99 13.67
N GLY A 48 40.73 -27.11 14.15
CA GLY A 48 41.13 -28.31 14.88
C GLY A 48 40.70 -28.31 16.32
N SER A 49 41.61 -28.65 17.23
CA SER A 49 41.31 -28.73 18.66
C SER A 49 42.30 -27.85 19.42
N VAL A 50 41.79 -26.81 20.07
CA VAL A 50 42.60 -25.91 20.88
C VAL A 50 41.84 -25.60 22.16
N GLN A 51 42.57 -25.54 23.28
CA GLN A 51 41.96 -25.26 24.56
C GLN A 51 41.40 -23.83 24.59
N SER A 52 40.75 -23.49 25.69
CA SER A 52 40.09 -22.19 25.81
C SER A 52 41.11 -21.06 25.78
N GLY A 53 40.68 -19.91 25.27
CA GLY A 53 41.54 -18.75 25.18
C GLY A 53 42.51 -18.77 24.03
N GLY A 54 42.43 -19.76 23.14
CA GLY A 54 43.34 -19.86 22.02
C GLY A 54 42.87 -19.07 20.82
N SER A 55 43.50 -19.35 19.68
CA SER A 55 43.18 -18.69 18.42
C SER A 55 43.23 -19.73 17.31
N LEU A 56 42.08 -20.02 16.71
CA LEU A 56 41.97 -20.95 15.60
C LEU A 56 41.89 -20.17 14.29
N THR A 57 42.81 -20.46 13.38
CA THR A 57 42.78 -19.88 12.04
C THR A 57 41.98 -20.80 11.14
N LEU A 58 40.84 -20.32 10.66
CA LEU A 58 39.88 -21.14 9.95
C LEU A 58 39.52 -20.47 8.63
N SER A 59 39.29 -21.28 7.60
CA SER A 59 39.11 -20.72 6.26
C SER A 59 38.18 -21.60 5.44
N CYS A 60 37.56 -20.98 4.43
CA CYS A 60 36.71 -21.66 3.46
C CYS A 60 37.09 -21.19 2.06
N ALA A 61 37.27 -22.14 1.15
CA ALA A 61 37.58 -21.83 -0.24
C ALA A 61 36.28 -21.46 -0.96
N ALA A 62 36.35 -21.37 -2.28
CA ALA A 62 35.16 -21.05 -3.06
C ALA A 62 35.36 -21.52 -4.49
N SER A 63 34.25 -21.59 -5.22
CA SER A 63 34.27 -21.93 -6.63
C SER A 63 33.00 -21.41 -7.27
N GLY A 64 33.15 -20.77 -8.42
CA GLY A 64 32.00 -20.25 -9.15
C GLY A 64 31.23 -19.18 -8.43
N SER A 65 31.83 -18.51 -7.46
CA SER A 65 31.18 -17.45 -6.70
C SER A 65 32.03 -16.19 -6.78
N THR A 66 31.42 -15.09 -7.21
CA THR A 66 32.08 -13.80 -7.31
C THR A 66 31.46 -12.82 -6.33
N TYR A 67 32.18 -11.72 -6.09
CA TYR A 67 31.70 -10.70 -5.17
C TYR A 67 30.41 -10.07 -5.66
N SER A 68 30.20 -10.02 -6.98
CA SER A 68 29.01 -9.42 -7.56
C SER A 68 27.84 -10.40 -7.64
N SER A 69 28.02 -11.65 -7.24
CA SER A 69 26.98 -12.66 -7.38
C SER A 69 26.62 -13.35 -6.07
N HIS A 70 27.57 -13.56 -5.16
CA HIS A 70 27.31 -14.32 -3.95
C HIS A 70 27.91 -13.62 -2.73
N CYS A 71 27.30 -13.87 -1.58
CA CYS A 71 27.74 -13.34 -0.29
C CYS A 71 28.01 -14.51 0.65
N MET A 72 29.11 -14.41 1.39
CA MET A 72 29.58 -15.53 2.21
C MET A 72 29.35 -15.26 3.69
N GLY A 73 29.41 -16.34 4.46
CA GLY A 73 29.26 -16.20 5.90
C GLY A 73 29.69 -17.45 6.61
N TRP A 74 30.00 -17.28 7.89
CA TRP A 74 30.35 -18.37 8.79
C TRP A 74 29.24 -18.56 9.80
N PHE A 75 28.72 -19.79 9.87
CA PHE A 75 27.72 -20.19 10.84
C PHE A 75 28.31 -21.28 11.72
N ARG A 76 27.73 -21.46 12.91
CA ARG A 76 28.12 -22.55 13.79
C ARG A 76 26.88 -23.26 14.32
N GLN A 77 26.98 -24.57 14.45
CA GLN A 77 25.93 -25.40 15.04
C GLN A 77 26.54 -26.14 16.22
N ALA A 78 25.94 -25.98 17.39
CA ALA A 78 26.48 -26.64 18.56
C ALA A 78 25.64 -27.87 18.90
N PRO A 79 26.27 -28.93 19.38
CA PRO A 79 25.51 -30.14 19.74
C PRO A 79 24.44 -29.83 20.78
N GLY A 80 23.25 -30.39 20.56
CA GLY A 80 22.15 -30.22 21.47
C GLY A 80 21.29 -28.99 21.24
N LYS A 81 21.68 -28.10 20.32
CA LYS A 81 20.91 -26.90 20.07
C LYS A 81 21.01 -26.55 18.58
N GLU A 82 20.45 -25.40 18.22
CA GLU A 82 20.21 -25.05 16.83
C GLU A 82 21.39 -24.29 16.24
N ARG A 83 21.56 -24.44 14.92
CA ARG A 83 22.61 -23.72 14.20
C ARG A 83 22.34 -22.22 14.25
N GLU A 84 23.42 -21.44 14.35
CA GLU A 84 23.34 -20.00 14.50
C GLU A 84 24.34 -19.32 13.56
N GLY A 85 24.14 -18.02 13.37
CA GLY A 85 25.05 -17.23 12.55
C GLY A 85 26.16 -16.66 13.40
N VAL A 86 27.38 -16.69 12.86
CA VAL A 86 28.55 -16.20 13.59
C VAL A 86 29.03 -14.90 12.96
N ALA A 87 29.31 -14.93 11.66
CA ALA A 87 29.87 -13.74 11.00
C ALA A 87 29.50 -13.77 9.52
N LEU A 88 28.63 -12.85 9.11
CA LEU A 88 28.12 -12.81 7.74
C LEU A 88 28.66 -11.58 7.02
N MET A 89 29.22 -11.78 5.82
CA MET A 89 29.55 -10.66 4.95
C MET A 89 28.25 -10.03 4.50
N THR A 90 28.01 -8.80 4.91
CA THR A 90 26.70 -8.18 4.84
C THR A 90 26.83 -6.83 4.16
N ARG A 91 26.10 -6.64 3.06
CA ARG A 91 26.15 -5.37 2.34
C ARG A 91 25.70 -4.23 3.23
N SER A 92 24.55 -4.37 3.87
CA SER A 92 24.12 -3.39 4.85
C SER A 92 24.92 -3.56 6.15
N ARG A 93 25.03 -2.47 6.89
CA ARG A 93 25.64 -2.43 8.23
C ARG A 93 27.02 -3.09 8.27
N GLY A 94 27.66 -3.25 7.12
CA GLY A 94 28.96 -3.90 7.04
C GLY A 94 28.85 -5.35 7.47
N THR A 95 30.01 -5.95 7.75
CA THR A 95 30.04 -7.31 8.25
C THR A 95 29.26 -7.42 9.55
N SER A 96 28.43 -8.45 9.66
CA SER A 96 27.56 -8.64 10.81
C SER A 96 28.11 -9.77 11.68
N TYR A 97 28.15 -9.53 12.98
CA TYR A 97 28.68 -10.49 13.95
C TYR A 97 27.60 -10.88 14.94
N ALA A 98 27.74 -12.08 15.49
CA ALA A 98 26.91 -12.49 16.61
C ALA A 98 27.45 -11.88 17.90
N ASP A 99 26.59 -11.87 18.93
CA ASP A 99 26.98 -11.26 20.20
C ASP A 99 28.15 -12.01 20.82
N SER A 100 28.14 -13.33 20.77
CA SER A 100 29.17 -14.14 21.41
C SER A 100 30.51 -14.06 20.71
N VAL A 101 30.59 -13.46 19.52
CA VAL A 101 31.82 -13.42 18.74
C VAL A 101 32.25 -11.99 18.44
N LYS A 102 31.68 -11.00 19.14
CA LYS A 102 32.05 -9.61 18.88
C LYS A 102 33.50 -9.36 19.26
N GLY A 103 34.23 -8.74 18.36
CA GLY A 103 35.64 -8.40 18.62
C GLY A 103 36.61 -9.56 18.56
N ARG A 104 36.29 -10.66 19.24
CA ARG A 104 37.20 -11.80 19.28
C ARG A 104 37.39 -12.41 17.89
N PHE A 105 36.33 -12.49 17.10
CA PHE A 105 36.41 -13.07 15.76
C PHE A 105 36.67 -11.97 14.73
N THR A 106 37.02 -12.40 13.52
CA THR A 106 37.26 -11.47 12.42
C THR A 106 37.10 -12.22 11.10
N ILE A 107 36.28 -11.67 10.21
CA ILE A 107 36.00 -12.29 8.92
C ILE A 107 36.56 -11.40 7.82
N SER A 108 37.30 -12.02 6.89
CA SER A 108 37.87 -11.32 5.75
C SER A 108 37.60 -12.13 4.49
N GLN A 109 37.62 -11.46 3.34
CA GLN A 109 37.35 -12.10 2.08
C GLN A 109 38.36 -11.65 1.03
N ASP A 110 38.82 -12.59 0.21
CA ASP A 110 39.68 -12.31 -0.94
C ASP A 110 38.96 -12.77 -2.19
N ASN A 111 38.66 -11.82 -3.07
CA ASN A 111 37.96 -12.14 -4.32
C ASN A 111 38.88 -12.78 -5.34
N THR A 112 40.15 -12.35 -5.38
CA THR A 112 41.08 -12.88 -6.37
C THR A 112 41.30 -14.38 -6.16
N LYS A 113 41.56 -14.79 -4.92
CA LYS A 113 41.69 -16.20 -4.59
C LYS A 113 40.37 -16.86 -4.20
N ASN A 114 39.31 -16.06 -4.04
CA ASN A 114 37.98 -16.57 -3.67
C ASN A 114 38.05 -17.38 -2.37
N ILE A 115 38.45 -16.69 -1.30
CA ILE A 115 38.57 -17.33 0.00
C ILE A 115 37.92 -16.46 1.06
N LEU A 116 37.45 -17.09 2.14
CA LEU A 116 36.89 -16.41 3.29
C LEU A 116 37.58 -16.94 4.54
N TYR A 117 37.85 -16.04 5.49
CA TYR A 117 38.70 -16.35 6.63
C TYR A 117 37.96 -16.12 7.94
N LEU A 118 38.60 -16.57 9.02
CA LEU A 118 38.09 -16.36 10.38
C LEU A 118 39.23 -16.59 11.35
N GLN A 119 39.36 -15.70 12.33
CA GLN A 119 40.42 -15.73 13.33
C GLN A 119 39.76 -15.83 14.70
N MET A 120 39.49 -17.06 15.14
CA MET A 120 38.81 -17.29 16.41
C MET A 120 39.82 -17.16 17.55
N ASN A 121 40.07 -15.91 17.94
CA ASN A 121 40.99 -15.60 19.02
C ASN A 121 40.24 -15.45 20.34
N SER A 122 40.93 -15.81 21.43
CA SER A 122 40.37 -15.74 22.78
C SER A 122 39.09 -16.57 22.89
N LEU A 123 39.25 -17.88 22.70
CA LEU A 123 38.12 -18.79 22.75
C LEU A 123 37.56 -18.89 24.16
N LYS A 124 36.39 -19.51 24.25
CA LYS A 124 35.68 -19.79 25.48
C LYS A 124 35.25 -21.24 25.48
N PRO A 125 35.01 -21.84 26.65
CA PRO A 125 34.62 -23.26 26.68
C PRO A 125 33.31 -23.55 25.96
N GLU A 126 32.49 -22.55 25.69
CA GLU A 126 31.23 -22.74 24.98
C GLU A 126 31.39 -22.66 23.47
N ASP A 127 32.62 -22.49 22.96
CA ASP A 127 32.84 -22.34 21.53
C ASP A 127 32.94 -23.66 20.78
N THR A 128 32.83 -24.79 21.48
CA THR A 128 32.89 -26.09 20.82
C THR A 128 31.63 -26.31 20.00
N ALA A 129 31.79 -26.45 18.69
CA ALA A 129 30.66 -26.59 17.77
C ALA A 129 31.23 -26.97 16.41
N MET A 130 30.35 -27.17 15.44
CA MET A 130 30.77 -27.46 14.07
C MET A 130 30.42 -26.26 13.21
N TYR A 131 31.41 -25.73 12.50
CA TYR A 131 31.27 -24.49 11.75
C TYR A 131 31.14 -24.79 10.26
N TYR A 132 30.33 -23.98 9.58
CA TYR A 132 30.13 -24.09 8.15
C TYR A 132 30.31 -22.73 7.49
N CYS A 133 30.74 -22.75 6.23
CA CYS A 133 30.75 -21.57 5.38
C CYS A 133 29.60 -21.68 4.40
N ALA A 134 28.81 -20.61 4.30
CA ALA A 134 27.59 -20.61 3.50
C ALA A 134 27.65 -19.46 2.51
N ALA A 135 27.20 -19.74 1.28
CA ALA A 135 27.14 -18.75 0.22
C ALA A 135 25.69 -18.58 -0.23
N VAL A 136 25.24 -17.32 -0.26
CA VAL A 136 23.88 -17.02 -0.67
C VAL A 136 23.92 -16.13 -1.91
N PRO A 137 22.95 -16.26 -2.82
CA PRO A 137 22.91 -15.36 -3.97
C PRO A 137 22.74 -13.92 -3.52
N ARG A 138 23.34 -13.01 -4.29
CA ARG A 138 23.23 -11.58 -4.05
C ARG A 138 22.13 -11.01 -4.93
N ALA A 139 21.25 -10.21 -4.34
CA ALA A 139 20.17 -9.59 -5.11
C ALA A 139 20.74 -8.68 -6.19
N GLY A 140 19.91 -8.40 -7.18
CA GLY A 140 20.35 -7.61 -8.32
C GLY A 140 20.69 -6.18 -7.93
N ILE A 141 21.33 -5.49 -8.87
CA ILE A 141 21.72 -4.10 -8.64
C ILE A 141 20.49 -3.22 -8.49
N GLU A 142 19.37 -3.62 -9.09
CA GLU A 142 18.13 -2.87 -8.93
C GLU A 142 17.66 -2.89 -7.48
N SER A 143 17.75 -4.05 -6.83
CA SER A 143 17.35 -4.15 -5.43
C SER A 143 18.32 -3.41 -4.52
N GLY A 144 19.61 -3.47 -4.83
CA GLY A 144 20.61 -2.82 -4.01
C GLY A 144 21.76 -3.73 -3.68
N ALA A 145 21.78 -4.91 -4.32
CA ALA A 145 22.83 -5.91 -4.14
C ALA A 145 22.91 -6.41 -2.71
N TYR A 146 21.78 -6.41 -2.01
CA TYR A 146 21.73 -6.99 -0.67
C TYR A 146 21.87 -8.51 -0.76
N CYS A 147 22.61 -9.08 0.18
CA CYS A 147 22.80 -10.53 0.19
C CYS A 147 21.55 -11.22 0.70
N LYS A 148 21.16 -12.30 0.03
CA LYS A 148 19.91 -13.00 0.32
C LYS A 148 20.14 -14.01 1.45
N TRP A 149 20.29 -13.47 2.66
CA TRP A 149 20.54 -14.31 3.81
C TRP A 149 19.30 -15.06 4.29
N ASN A 150 18.10 -14.54 4.02
CA ASN A 150 16.89 -15.29 4.36
C ASN A 150 16.84 -16.61 3.62
N MET A 151 17.44 -16.68 2.44
CA MET A 151 17.53 -17.88 1.62
C MET A 151 18.72 -18.76 2.05
N LYS A 152 19.29 -18.50 3.22
CA LYS A 152 20.52 -19.18 3.64
C LYS A 152 20.34 -20.70 3.63
N ASP A 153 19.13 -21.18 3.84
CA ASP A 153 18.89 -22.62 3.79
C ASP A 153 19.02 -23.15 2.37
N SER A 154 18.51 -22.41 1.39
CA SER A 154 18.58 -22.84 0.00
C SER A 154 19.93 -22.56 -0.65
N GLY A 155 20.80 -21.78 -0.02
CA GLY A 155 22.09 -21.49 -0.58
C GLY A 155 23.06 -22.64 -0.39
N SER A 156 24.23 -22.49 -1.01
CA SER A 156 25.25 -23.52 -0.94
C SER A 156 25.94 -23.48 0.41
N TRP A 157 25.99 -24.64 1.08
CA TRP A 157 26.55 -24.76 2.41
C TRP A 157 27.82 -25.61 2.36
N GLY A 158 28.80 -25.24 3.16
CA GLY A 158 30.02 -26.02 3.24
C GLY A 158 29.81 -27.32 3.98
N GLN A 159 30.77 -28.23 3.80
CA GLN A 159 30.70 -29.51 4.50
C GLN A 159 30.81 -29.32 6.01
N GLY A 160 31.66 -28.39 6.44
CA GLY A 160 31.76 -28.05 7.84
C GLY A 160 32.94 -28.74 8.51
N THR A 161 33.34 -28.19 9.65
CA THR A 161 34.44 -28.74 10.42
C THR A 161 34.11 -28.66 11.90
N GLN A 162 34.43 -29.73 12.63
CA GLN A 162 34.11 -29.84 14.05
C GLN A 162 35.17 -29.07 14.85
N VAL A 163 34.93 -27.78 15.03
CA VAL A 163 35.80 -26.95 15.86
C VAL A 163 35.60 -27.39 17.31
N THR A 164 36.57 -28.12 17.85
CA THR A 164 36.49 -28.68 19.19
C THR A 164 37.33 -27.82 20.12
N VAL A 165 36.69 -26.80 20.69
CA VAL A 165 37.36 -25.91 21.63
C VAL A 165 37.32 -26.57 23.01
N SER A 166 38.50 -26.79 23.59
CA SER A 166 38.64 -27.45 24.88
C SER A 166 38.86 -26.40 25.96
N SER A 167 39.12 -26.87 27.18
CA SER A 167 39.36 -25.99 28.31
C SER A 167 40.80 -26.09 28.80
N GLN B 39 -10.54 6.47 35.48
CA GLN B 39 -11.95 6.23 35.76
C GLN B 39 -12.19 4.77 36.11
N VAL B 40 -11.53 3.88 35.38
CA VAL B 40 -11.66 2.44 35.59
C VAL B 40 -10.55 1.96 36.52
N GLN B 41 -10.94 1.40 37.66
CA GLN B 41 -10.02 0.88 38.66
C GLN B 41 -10.36 -0.57 38.96
N LEU B 42 -9.35 -1.33 39.37
CA LEU B 42 -9.49 -2.75 39.65
C LEU B 42 -8.85 -3.08 40.98
N VAL B 43 -9.45 -4.02 41.70
CA VAL B 43 -8.91 -4.51 42.97
C VAL B 43 -8.97 -6.03 42.97
N GLU B 44 -7.87 -6.67 43.35
CA GLU B 44 -7.76 -8.12 43.31
C GLU B 44 -8.06 -8.70 44.69
N SER B 45 -7.83 -10.00 44.84
CA SER B 45 -8.01 -10.72 46.09
C SER B 45 -7.34 -12.09 45.94
N GLY B 46 -7.57 -12.97 46.91
CA GLY B 46 -7.16 -14.36 46.80
C GLY B 46 -5.74 -14.68 47.20
N GLY B 47 -5.01 -13.73 47.79
CA GLY B 47 -3.64 -13.99 48.20
C GLY B 47 -3.54 -15.10 49.22
N GLY B 48 -2.68 -16.09 48.94
CA GLY B 48 -2.53 -17.22 49.84
C GLY B 48 -1.36 -18.09 49.45
N SER B 49 -1.03 -19.02 50.34
CA SER B 49 0.06 -19.96 50.14
C SER B 49 -0.53 -21.37 50.14
N VAL B 50 -0.37 -22.08 49.02
CA VAL B 50 -0.86 -23.44 48.87
C VAL B 50 0.25 -24.28 48.23
N GLN B 51 0.45 -25.48 48.74
CA GLN B 51 1.47 -26.37 48.22
C GLN B 51 1.12 -26.80 46.79
N SER B 52 2.02 -27.58 46.19
CA SER B 52 1.84 -28.01 44.81
C SER B 52 0.57 -28.84 44.66
N GLY B 53 -0.13 -28.64 43.55
CA GLY B 53 -1.37 -29.33 43.30
C GLY B 53 -2.61 -28.66 43.87
N GLY B 54 -2.55 -27.36 44.14
CA GLY B 54 -3.66 -26.67 44.76
C GLY B 54 -4.77 -26.29 43.80
N SER B 55 -5.82 -25.71 44.38
CA SER B 55 -7.01 -25.26 43.66
C SER B 55 -7.31 -23.81 43.99
N LEU B 56 -6.29 -22.96 43.87
CA LEU B 56 -6.36 -21.61 44.40
C LEU B 56 -7.05 -20.67 43.41
N THR B 57 -8.06 -19.95 43.88
CA THR B 57 -8.82 -19.03 43.03
C THR B 57 -8.43 -17.59 43.33
N LEU B 58 -8.53 -16.74 42.31
CA LEU B 58 -8.28 -15.32 42.43
C LEU B 58 -9.40 -14.55 41.74
N SER B 59 -9.75 -13.41 42.29
CA SER B 59 -10.80 -12.56 41.75
C SER B 59 -10.32 -11.12 41.68
N CYS B 60 -10.78 -10.41 40.66
CA CYS B 60 -10.48 -9.01 40.46
C CYS B 60 -11.78 -8.27 40.15
N ALA B 61 -11.89 -7.06 40.65
CA ALA B 61 -13.10 -6.26 40.49
C ALA B 61 -12.88 -5.19 39.44
N ALA B 62 -13.93 -4.41 39.19
CA ALA B 62 -13.87 -3.35 38.19
C ALA B 62 -15.01 -2.38 38.44
N SER B 63 -14.71 -1.08 38.29
CA SER B 63 -15.70 -0.03 38.43
C SER B 63 -15.54 0.95 37.27
N GLY B 64 -16.66 1.37 36.69
CA GLY B 64 -16.61 2.24 35.54
C GLY B 64 -16.04 1.60 34.29
N SER B 65 -16.27 0.30 34.11
CA SER B 65 -15.85 -0.42 32.91
C SER B 65 -16.92 -1.44 32.55
N THR B 66 -17.19 -1.56 31.26
CA THR B 66 -18.21 -2.47 30.75
C THR B 66 -17.57 -3.50 29.82
N TYR B 67 -18.41 -4.36 29.27
CA TYR B 67 -17.94 -5.37 28.33
C TYR B 67 -17.64 -4.78 26.96
N SER B 68 -18.38 -3.76 26.55
CA SER B 68 -18.22 -3.14 25.25
C SER B 68 -17.16 -2.04 25.25
N SER B 69 -16.63 -1.66 26.41
CA SER B 69 -15.67 -0.57 26.51
C SER B 69 -14.29 -1.01 26.94
N HIS B 70 -14.16 -2.14 27.61
CA HIS B 70 -12.87 -2.57 28.13
C HIS B 70 -12.75 -4.09 28.02
N CYS B 71 -11.51 -4.56 28.05
CA CYS B 71 -11.20 -5.98 27.87
C CYS B 71 -10.12 -6.35 28.88
N MET B 72 -10.30 -7.45 29.59
CA MET B 72 -9.46 -7.74 30.74
C MET B 72 -8.74 -9.08 30.62
N GLY B 73 -7.82 -9.28 31.56
CA GLY B 73 -7.03 -10.49 31.59
C GLY B 73 -6.18 -10.53 32.84
N TRP B 74 -5.48 -11.65 33.01
CA TRP B 74 -4.60 -11.89 34.14
C TRP B 74 -3.18 -12.10 33.64
N PHE B 75 -2.23 -11.40 34.27
CA PHE B 75 -0.81 -11.50 33.98
C PHE B 75 -0.08 -11.99 35.22
N ARG B 76 1.14 -12.49 35.02
CA ARG B 76 2.02 -12.88 36.12
C ARG B 76 3.36 -12.18 35.97
N GLN B 77 3.97 -11.85 37.11
CA GLN B 77 5.33 -11.32 37.17
C GLN B 77 6.12 -12.21 38.12
N ALA B 78 7.01 -13.03 37.55
CA ALA B 78 7.83 -13.91 38.36
C ALA B 78 8.83 -13.09 39.18
N PRO B 79 9.19 -13.55 40.37
CA PRO B 79 10.17 -12.82 41.20
C PRO B 79 11.49 -12.66 40.47
N GLY B 80 11.89 -11.41 40.26
CA GLY B 80 13.12 -11.12 39.55
C GLY B 80 13.04 -11.28 38.05
N LYS B 81 11.85 -11.50 37.49
CA LYS B 81 11.68 -11.67 36.06
C LYS B 81 10.61 -10.70 35.57
N GLU B 82 10.41 -10.70 34.25
CA GLU B 82 9.51 -9.75 33.62
C GLU B 82 8.06 -10.19 33.79
N ARG B 83 7.15 -9.28 33.46
CA ARG B 83 5.72 -9.57 33.53
C ARG B 83 5.30 -10.45 32.36
N GLU B 84 4.62 -11.54 32.68
CA GLU B 84 4.20 -12.52 31.68
C GLU B 84 2.69 -12.66 31.69
N GLY B 85 2.09 -12.71 30.50
CA GLY B 85 0.67 -12.93 30.41
C GLY B 85 0.29 -14.34 30.81
N VAL B 86 -0.94 -14.49 31.30
CA VAL B 86 -1.41 -15.78 31.76
C VAL B 86 -2.70 -16.15 31.05
N ALA B 87 -3.69 -15.27 31.12
CA ALA B 87 -4.99 -15.56 30.50
C ALA B 87 -5.65 -14.23 30.15
N LEU B 88 -5.63 -13.87 28.88
CA LEU B 88 -6.22 -12.63 28.41
C LEU B 88 -7.48 -12.95 27.64
N MET B 89 -8.61 -12.33 28.02
CA MET B 89 -9.82 -12.55 27.27
C MET B 89 -9.80 -11.65 26.04
N THR B 90 -9.78 -12.28 24.86
CA THR B 90 -9.54 -11.58 23.62
C THR B 90 -10.67 -11.85 22.65
N ARG B 91 -10.93 -10.88 21.77
CA ARG B 91 -11.99 -11.02 20.80
C ARG B 91 -11.67 -12.07 19.74
N SER B 92 -10.43 -12.10 19.28
CA SER B 92 -10.08 -12.97 18.15
C SER B 92 -10.18 -14.44 18.54
N ARG B 93 -9.56 -14.84 19.65
CA ARG B 93 -9.50 -16.23 20.06
C ARG B 93 -10.42 -16.55 21.22
N GLY B 94 -11.27 -15.61 21.63
CA GLY B 94 -12.09 -15.80 22.80
C GLY B 94 -11.27 -15.66 24.07
N THR B 95 -10.39 -16.62 24.32
CA THR B 95 -9.47 -16.56 25.45
C THR B 95 -8.10 -17.03 24.98
N SER B 96 -7.06 -16.31 25.42
CA SER B 96 -5.69 -16.65 25.09
C SER B 96 -4.97 -17.04 26.38
N TYR B 97 -4.48 -18.28 26.42
CA TYR B 97 -3.84 -18.84 27.60
C TYR B 97 -2.33 -18.87 27.42
N ALA B 98 -1.62 -18.75 28.53
CA ALA B 98 -0.17 -18.89 28.50
C ALA B 98 0.22 -20.35 28.29
N ASP B 99 1.34 -20.55 27.58
CA ASP B 99 1.76 -21.90 27.21
C ASP B 99 2.15 -22.72 28.43
N SER B 100 3.02 -22.17 29.29
CA SER B 100 3.59 -22.95 30.39
C SER B 100 2.55 -23.38 31.41
N VAL B 101 1.38 -22.74 31.43
CA VAL B 101 0.31 -23.06 32.36
C VAL B 101 -0.93 -23.58 31.66
N LYS B 102 -0.87 -23.76 30.34
CA LYS B 102 -2.06 -24.05 29.54
C LYS B 102 -2.82 -25.27 30.04
N GLY B 103 -4.13 -25.13 30.12
CA GLY B 103 -5.03 -26.23 30.46
C GLY B 103 -5.29 -26.43 31.94
N ARG B 104 -4.27 -26.21 32.77
CA ARG B 104 -4.36 -26.46 34.20
C ARG B 104 -5.12 -25.37 34.96
N PHE B 105 -5.79 -24.45 34.28
CA PHE B 105 -6.38 -23.30 34.94
C PHE B 105 -7.54 -22.77 34.10
N THR B 106 -8.37 -21.95 34.74
CA THR B 106 -9.60 -21.47 34.12
C THR B 106 -9.75 -19.97 34.35
N ILE B 107 -10.48 -19.31 33.44
CA ILE B 107 -10.72 -17.88 33.50
C ILE B 107 -12.17 -17.61 33.12
N SER B 108 -12.79 -16.64 33.79
CA SER B 108 -14.18 -16.29 33.52
C SER B 108 -14.42 -14.83 33.89
N GLN B 109 -15.55 -14.30 33.42
CA GLN B 109 -15.95 -12.93 33.73
C GLN B 109 -17.44 -12.89 34.05
N ASP B 110 -17.85 -11.84 34.75
CA ASP B 110 -19.26 -11.56 35.03
C ASP B 110 -19.49 -10.07 34.87
N ASN B 111 -20.31 -9.70 33.88
CA ASN B 111 -20.59 -8.31 33.59
C ASN B 111 -21.61 -7.69 34.54
N THR B 112 -22.40 -8.51 35.24
CA THR B 112 -23.38 -7.96 36.17
C THR B 112 -22.70 -7.20 37.30
N LYS B 113 -21.61 -7.73 37.83
CA LYS B 113 -20.84 -7.08 38.88
C LYS B 113 -19.46 -6.64 38.42
N ASN B 114 -19.13 -6.84 37.14
CA ASN B 114 -17.83 -6.46 36.57
C ASN B 114 -16.68 -7.12 37.35
N ILE B 115 -16.74 -8.45 37.43
CA ILE B 115 -15.76 -9.20 38.20
C ILE B 115 -15.13 -10.28 37.32
N LEU B 116 -13.81 -10.34 37.33
CA LEU B 116 -13.04 -11.34 36.60
C LEU B 116 -12.51 -12.38 37.59
N TYR B 117 -12.46 -13.63 37.15
CA TYR B 117 -12.03 -14.74 38.00
C TYR B 117 -11.01 -15.59 37.26
N LEU B 118 -10.02 -16.07 38.00
CA LEU B 118 -8.98 -16.95 37.46
C LEU B 118 -8.62 -17.99 38.50
N GLN B 119 -8.80 -19.26 38.16
CA GLN B 119 -8.57 -20.37 39.08
C GLN B 119 -7.35 -21.16 38.61
N MET B 120 -6.35 -21.24 39.49
CA MET B 120 -5.14 -22.03 39.27
C MET B 120 -5.37 -23.42 39.88
N ASN B 121 -5.38 -24.44 39.03
CA ASN B 121 -5.48 -25.83 39.48
C ASN B 121 -4.17 -26.55 39.20
N SER B 122 -3.90 -27.57 40.03
CA SER B 122 -2.65 -28.34 39.97
C SER B 122 -1.45 -27.40 40.06
N LEU B 123 -1.35 -26.73 41.20
CA LEU B 123 -0.30 -25.73 41.40
C LEU B 123 1.08 -26.35 41.31
N LYS B 124 2.04 -25.55 40.85
CA LYS B 124 3.43 -25.94 40.69
C LYS B 124 4.33 -24.98 41.46
N PRO B 125 5.49 -25.44 41.92
CA PRO B 125 6.37 -24.55 42.70
C PRO B 125 6.81 -23.31 41.93
N GLU B 126 6.94 -23.41 40.61
CA GLU B 126 7.35 -22.26 39.81
C GLU B 126 6.26 -21.20 39.69
N ASP B 127 5.03 -21.51 40.07
CA ASP B 127 3.93 -20.58 39.92
C ASP B 127 3.97 -19.43 40.91
N THR B 128 4.84 -19.49 41.91
CA THR B 128 4.98 -18.40 42.88
C THR B 128 5.37 -17.12 42.17
N ALA B 129 4.50 -16.12 42.17
CA ALA B 129 4.73 -14.89 41.41
C ALA B 129 3.76 -13.83 41.88
N MET B 130 3.69 -12.74 41.14
CA MET B 130 2.87 -11.56 41.42
C MET B 130 1.80 -11.50 40.34
N TYR B 131 0.61 -12.05 40.62
CA TYR B 131 -0.50 -12.00 39.69
C TYR B 131 -1.11 -10.60 39.67
N TYR B 132 -1.51 -10.16 38.47
CA TYR B 132 -2.19 -8.89 38.30
C TYR B 132 -3.38 -9.09 37.37
N CYS B 133 -4.38 -8.22 37.54
CA CYS B 133 -5.51 -8.14 36.61
C CYS B 133 -5.39 -6.84 35.83
N ALA B 134 -5.41 -6.94 34.51
CA ALA B 134 -5.20 -5.81 33.63
C ALA B 134 -6.44 -5.58 32.79
N ALA B 135 -6.77 -4.31 32.58
CA ALA B 135 -7.91 -3.90 31.76
C ALA B 135 -7.44 -2.89 30.73
N VAL B 136 -7.57 -3.24 29.46
CA VAL B 136 -7.15 -2.37 28.37
C VAL B 136 -8.38 -1.93 27.59
N PRO B 137 -8.37 -0.74 26.99
CA PRO B 137 -9.53 -0.30 26.21
C PRO B 137 -9.79 -1.23 25.03
N ARG B 138 -11.06 -1.32 24.65
CA ARG B 138 -11.48 -2.15 23.53
C ARG B 138 -11.86 -1.25 22.36
N ALA B 139 -11.33 -1.57 21.18
CA ALA B 139 -11.60 -0.77 20.00
C ALA B 139 -13.09 -0.86 19.63
N GLY B 140 -13.53 0.09 18.82
CA GLY B 140 -14.93 0.17 18.44
C GLY B 140 -15.30 -0.90 17.43
N ILE B 141 -16.59 -0.93 17.11
CA ILE B 141 -17.10 -1.91 16.13
C ILE B 141 -16.50 -1.64 14.75
N GLU B 142 -16.13 -0.40 14.47
CA GLU B 142 -15.49 -0.10 13.19
C GLU B 142 -14.19 -0.86 13.04
N SER B 143 -13.39 -0.92 14.10
CA SER B 143 -12.15 -1.69 14.06
C SER B 143 -12.42 -3.19 14.14
N GLY B 144 -13.41 -3.57 14.94
CA GLY B 144 -13.76 -4.97 15.08
C GLY B 144 -13.83 -5.42 16.52
N ALA B 145 -13.81 -4.45 17.44
CA ALA B 145 -13.88 -4.71 18.88
C ALA B 145 -12.73 -5.59 19.35
N TYR B 146 -11.57 -5.48 18.70
CA TYR B 146 -10.39 -6.19 19.15
C TYR B 146 -9.84 -5.52 20.39
N CYS B 147 -9.62 -6.31 21.44
CA CYS B 147 -9.10 -5.76 22.68
C CYS B 147 -7.67 -5.26 22.46
N LYS B 148 -7.40 -4.04 22.91
CA LYS B 148 -6.15 -3.37 22.60
C LYS B 148 -5.08 -3.74 23.62
N TRP B 149 -4.64 -4.99 23.53
CA TRP B 149 -3.60 -5.51 24.42
C TRP B 149 -2.23 -4.94 24.11
N ASN B 150 -2.03 -4.39 22.90
CA ASN B 150 -0.73 -3.87 22.54
C ASN B 150 -0.28 -2.77 23.49
N MET B 151 -1.22 -2.03 24.08
CA MET B 151 -0.93 -1.02 25.09
C MET B 151 -1.29 -1.51 26.49
N LYS B 152 -1.00 -2.77 26.79
CA LYS B 152 -1.20 -3.29 28.14
C LYS B 152 -0.46 -2.46 29.18
N ASP B 153 0.65 -1.84 28.80
CA ASP B 153 1.43 -1.00 29.70
C ASP B 153 0.84 0.40 29.85
N SER B 154 -0.37 0.63 29.35
CA SER B 154 -1.05 1.91 29.50
C SER B 154 -2.46 1.78 30.05
N GLY B 155 -3.03 0.59 30.07
CA GLY B 155 -4.32 0.39 30.68
C GLY B 155 -4.24 0.34 32.19
N SER B 156 -5.41 0.34 32.82
CA SER B 156 -5.47 0.29 34.27
C SER B 156 -5.01 -1.07 34.76
N TRP B 157 -4.15 -1.07 35.78
CA TRP B 157 -3.52 -2.28 36.26
C TRP B 157 -3.90 -2.52 37.72
N GLY B 158 -3.98 -3.79 38.09
CA GLY B 158 -4.35 -4.14 39.44
C GLY B 158 -3.25 -3.86 40.45
N GLN B 159 -3.66 -3.81 41.73
CA GLN B 159 -2.70 -3.54 42.78
C GLN B 159 -1.66 -4.63 42.89
N GLY B 160 -2.08 -5.89 42.76
CA GLY B 160 -1.16 -7.01 42.81
C GLY B 160 -1.54 -8.03 43.84
N THR B 161 -1.25 -9.30 43.57
CA THR B 161 -1.56 -10.38 44.50
C THR B 161 -0.46 -11.43 44.43
N GLN B 162 0.21 -11.67 45.55
CA GLN B 162 1.30 -12.63 45.60
C GLN B 162 0.75 -14.03 45.79
N VAL B 163 1.21 -14.96 44.96
CA VAL B 163 0.82 -16.37 45.08
C VAL B 163 2.08 -17.19 45.25
N THR B 164 2.18 -17.89 46.37
CA THR B 164 3.36 -18.67 46.73
C THR B 164 2.99 -20.14 46.80
N VAL B 165 3.76 -20.99 46.12
CA VAL B 165 3.51 -22.42 46.07
C VAL B 165 4.73 -23.15 46.61
N SER B 166 4.50 -24.05 47.55
CA SER B 166 5.58 -24.86 48.11
C SER B 166 5.96 -25.98 47.15
N SER B 167 7.25 -26.28 47.10
CA SER B 167 7.74 -27.34 46.23
C SER B 167 7.33 -28.72 46.75
N SER C 164 42.66 -5.86 -2.54
CA SER C 164 41.88 -7.06 -2.24
C SER C 164 41.04 -6.85 -0.97
N GLU C 165 40.89 -5.59 -0.58
CA GLU C 165 40.11 -5.29 0.63
C GLU C 165 38.65 -5.68 0.47
N CYS C 166 38.06 -5.34 -0.68
CA CYS C 166 36.67 -5.69 -1.01
C CYS C 166 35.70 -5.16 0.06
N GLU C 167 35.60 -3.84 0.09
CA GLU C 167 34.54 -3.20 0.86
C GLU C 167 33.17 -3.61 0.31
N TYR C 168 32.15 -3.55 1.18
CA TYR C 168 30.78 -3.87 0.77
C TYR C 168 29.78 -2.76 0.98
N THR C 169 30.04 -1.81 1.88
CA THR C 169 29.06 -0.78 2.20
C THR C 169 29.02 0.29 1.11
N ASP C 170 28.00 1.13 1.18
CA ASP C 170 27.78 2.18 0.20
C ASP C 170 28.40 3.49 0.67
N TRP C 171 28.32 4.51 -0.17
CA TRP C 171 28.89 5.83 0.13
C TRP C 171 27.86 6.63 0.92
N LYS C 172 28.13 6.81 2.21
CA LYS C 172 27.27 7.61 3.08
C LYS C 172 25.83 7.13 2.95
N SER C 173 24.88 8.05 2.83
CA SER C 173 23.50 7.68 2.56
C SER C 173 22.82 8.65 1.60
N SER C 174 23.54 9.62 1.04
CA SER C 174 23.01 10.70 0.21
C SER C 174 21.99 11.55 0.94
N GLY C 175 21.87 11.40 2.26
CA GLY C 175 20.89 12.13 3.02
C GLY C 175 19.48 11.85 2.53
N ALA C 176 18.69 12.92 2.43
CA ALA C 176 17.34 12.84 1.87
C ALA C 176 17.28 13.39 0.46
N LEU C 177 18.42 13.46 -0.23
CA LEU C 177 18.46 14.05 -1.57
C LEU C 177 17.63 13.24 -2.55
N ILE C 178 17.82 11.92 -2.57
CA ILE C 178 17.03 11.08 -3.48
C ILE C 178 15.54 11.12 -3.14
N PRO C 179 15.11 10.97 -1.89
CA PRO C 179 13.67 11.14 -1.60
C PRO C 179 13.15 12.53 -1.93
N ALA C 180 13.95 13.57 -1.70
CA ALA C 180 13.49 14.92 -2.03
C ALA C 180 13.30 15.08 -3.53
N ILE C 181 14.23 14.55 -4.33
CA ILE C 181 14.08 14.60 -5.77
C ILE C 181 12.87 13.78 -6.21
N TYR C 182 12.64 12.63 -5.57
CA TYR C 182 11.47 11.82 -5.92
C TYR C 182 10.18 12.59 -5.65
N MET C 183 10.09 13.27 -4.50
CA MET C 183 8.89 14.03 -4.20
C MET C 183 8.72 15.22 -5.15
N LEU C 184 9.82 15.90 -5.47
CA LEU C 184 9.75 17.02 -6.40
C LEU C 184 9.30 16.56 -7.78
N VAL C 185 9.83 15.43 -8.24
CA VAL C 185 9.39 14.85 -9.51
C VAL C 185 7.94 14.43 -9.43
N PHE C 186 7.51 13.93 -8.27
CA PHE C 186 6.10 13.57 -8.11
C PHE C 186 5.20 14.78 -8.32
N LEU C 187 5.48 15.87 -7.60
CA LEU C 187 4.65 17.07 -7.74
C LEU C 187 4.70 17.61 -9.16
N LEU C 188 5.91 17.82 -9.69
CA LEU C 188 6.05 18.43 -11.01
C LEU C 188 5.47 17.55 -12.10
N GLY C 189 5.69 16.24 -12.01
CA GLY C 189 5.15 15.33 -13.00
C GLY C 189 3.64 15.27 -12.97
N THR C 190 3.05 15.19 -11.77
CA THR C 190 1.59 15.21 -11.69
C THR C 190 1.03 16.47 -12.32
N THR C 191 1.53 17.63 -11.91
CA THR C 191 1.00 18.88 -12.44
C THR C 191 1.21 18.98 -13.95
N GLY C 192 2.44 18.77 -14.40
CA GLY C 192 2.75 18.96 -15.82
C GLY C 192 2.06 17.95 -16.71
N ASN C 193 2.00 16.69 -16.28
CA ASN C 193 1.37 15.67 -17.11
C ASN C 193 -0.14 15.82 -17.13
N GLY C 194 -0.75 16.24 -16.02
CA GLY C 194 -2.15 16.60 -16.05
C GLY C 194 -2.41 17.75 -17.00
N LEU C 195 -1.55 18.76 -16.98
CA LEU C 195 -1.70 19.87 -17.92
C LEU C 195 -1.49 19.42 -19.35
N VAL C 196 -0.57 18.49 -19.59
CA VAL C 196 -0.32 18.00 -20.94
C VAL C 196 -1.54 17.25 -21.47
N LEU C 197 -2.12 16.37 -20.64
CA LEU C 197 -3.31 15.65 -21.05
C LEU C 197 -4.48 16.60 -21.27
N TRP C 198 -4.62 17.59 -20.39
CA TRP C 198 -5.69 18.57 -20.54
C TRP C 198 -5.53 19.38 -21.82
N THR C 199 -4.31 19.80 -22.14
CA THR C 199 -4.06 20.55 -23.35
C THR C 199 -4.31 19.71 -24.59
N VAL C 200 -3.90 18.45 -24.57
CA VAL C 200 -4.09 17.58 -25.72
C VAL C 200 -5.57 17.32 -25.97
N PHE C 201 -6.32 17.02 -24.91
CA PHE C 201 -7.71 16.62 -25.06
C PHE C 201 -8.70 17.77 -24.95
N ARG C 202 -8.23 19.00 -24.75
CA ARG C 202 -9.13 20.15 -24.66
C ARG C 202 -9.27 20.90 -25.97
N SER C 203 -8.25 20.87 -26.83
CA SER C 203 -8.32 21.59 -28.09
C SER C 203 -9.33 20.93 -29.02
N SER C 204 -9.52 21.53 -30.19
CA SER C 204 -10.46 20.99 -31.16
C SER C 204 -10.07 19.59 -31.57
N ARG C 205 -11.04 18.67 -31.58
CA ARG C 205 -10.76 17.29 -31.93
C ARG C 205 -10.40 17.14 -33.40
N GLU C 206 -10.89 18.04 -34.25
CA GLU C 206 -10.53 18.00 -35.66
C GLU C 206 -9.07 18.42 -35.87
N LYS C 207 -8.52 19.20 -34.95
CA LYS C 207 -7.13 19.66 -35.03
C LYS C 207 -6.19 18.78 -34.23
N ARG C 208 -6.60 17.56 -33.87
CA ARG C 208 -5.75 16.64 -33.12
C ARG C 208 -4.84 15.92 -34.10
N ARG C 209 -3.58 16.36 -34.17
CA ARG C 209 -2.61 15.74 -35.04
C ARG C 209 -2.27 14.33 -34.57
N SER C 210 -1.49 13.62 -35.38
CA SER C 210 -1.11 12.26 -35.02
C SER C 210 -0.18 12.24 -33.82
N ALA C 211 0.61 13.29 -33.62
CA ALA C 211 1.48 13.37 -32.45
C ALA C 211 0.70 13.50 -31.15
N ASP C 212 -0.56 13.94 -31.23
CA ASP C 212 -1.33 14.20 -30.01
C ASP C 212 -1.57 12.92 -29.22
N ILE C 213 -1.87 11.82 -29.91
CA ILE C 213 -2.17 10.58 -29.19
C ILE C 213 -0.91 10.03 -28.52
N PHE C 214 0.24 10.15 -29.18
CA PHE C 214 1.49 9.70 -28.59
C PHE C 214 1.89 10.58 -27.41
N ILE C 215 1.67 11.89 -27.51
CA ILE C 215 1.92 12.76 -26.37
C ILE C 215 1.01 12.40 -25.21
N ALA C 216 -0.25 12.08 -25.50
CA ALA C 216 -1.19 11.69 -24.45
C ALA C 216 -0.74 10.41 -23.77
N SER C 217 -0.29 9.42 -24.55
CA SER C 217 0.20 8.18 -23.96
C SER C 217 1.45 8.41 -23.12
N LEU C 218 2.36 9.27 -23.60
CA LEU C 218 3.53 9.64 -22.82
C LEU C 218 3.13 10.25 -21.48
N ALA C 219 2.18 11.18 -21.51
CA ALA C 219 1.72 11.82 -20.28
C ALA C 219 1.07 10.82 -19.35
N VAL C 220 0.30 9.87 -19.91
CA VAL C 220 -0.36 8.86 -19.08
C VAL C 220 0.68 7.98 -18.39
N ALA C 221 1.71 7.55 -19.13
CA ALA C 221 2.75 6.73 -18.53
C ALA C 221 3.50 7.49 -17.44
N ASP C 222 3.82 8.76 -17.71
CA ASP C 222 4.51 9.58 -16.71
C ASP C 222 3.64 9.75 -15.47
N LEU C 223 2.34 9.97 -15.65
CA LEU C 223 1.45 10.11 -14.52
C LEU C 223 1.37 8.83 -13.69
N THR C 224 1.27 7.69 -14.37
CA THR C 224 1.19 6.41 -13.66
C THR C 224 2.45 6.15 -12.85
N PHE C 225 3.61 6.54 -13.39
CA PHE C 225 4.85 6.33 -12.64
C PHE C 225 4.96 7.32 -11.47
N VAL C 226 4.67 8.59 -11.71
CA VAL C 226 4.83 9.57 -10.64
C VAL C 226 3.82 9.33 -9.53
N VAL C 227 2.71 8.65 -9.82
CA VAL C 227 1.78 8.30 -8.75
C VAL C 227 2.46 7.39 -7.73
N THR C 228 3.23 6.41 -8.20
CA THR C 228 3.94 5.48 -7.33
C THR C 228 5.27 6.02 -6.83
N LEU C 229 5.77 7.12 -7.40
CA LEU C 229 7.03 7.69 -6.93
C LEU C 229 7.10 8.00 -5.44
N PRO C 230 6.07 8.56 -4.78
CA PRO C 230 6.20 8.81 -3.33
C PRO C 230 6.45 7.54 -2.52
N LEU C 231 5.93 6.40 -2.96
CA LEU C 231 6.23 5.14 -2.28
C LEU C 231 7.73 4.85 -2.31
N TRP C 232 8.37 5.06 -3.45
CA TRP C 232 9.81 4.85 -3.54
C TRP C 232 10.58 5.90 -2.74
N ALA C 233 10.05 7.13 -2.67
CA ALA C 233 10.68 8.14 -1.83
C ALA C 233 10.69 7.72 -0.38
N THR C 234 9.55 7.21 0.11
CA THR C 234 9.49 6.70 1.47
C THR C 234 10.42 5.50 1.64
N TYR C 235 10.48 4.62 0.65
CA TYR C 235 11.36 3.46 0.70
C TYR C 235 12.81 3.88 0.90
N THR C 236 13.25 4.87 0.11
CA THR C 236 14.63 5.34 0.22
C THR C 236 14.87 6.11 1.52
N TYR C 237 13.85 6.82 2.01
CA TYR C 237 14.04 7.64 3.21
C TYR C 237 14.34 6.78 4.44
N ARG C 238 13.68 5.63 4.55
CA ARG C 238 13.80 4.77 5.73
C ARG C 238 14.91 3.74 5.60
N ASP C 239 15.98 4.06 4.88
CA ASP C 239 17.12 3.15 4.69
C ASP C 239 16.68 1.84 4.05
N TYR C 240 15.91 1.95 2.98
CA TYR C 240 15.46 0.82 2.17
C TYR C 240 14.59 -0.14 3.00
N ASP C 241 13.47 0.38 3.47
CA ASP C 241 12.45 -0.40 4.16
C ASP C 241 11.11 -0.19 3.47
N TRP C 242 10.43 -1.28 3.16
CA TRP C 242 9.18 -1.21 2.42
C TRP C 242 8.02 -1.51 3.35
N PRO C 243 7.23 -0.52 3.75
CA PRO C 243 6.07 -0.75 4.62
C PRO C 243 4.74 -0.94 3.90
N PHE C 244 4.74 -1.02 2.56
CA PHE C 244 3.50 -1.05 1.80
C PHE C 244 3.10 -2.45 1.36
N GLY C 245 3.86 -3.47 1.72
CA GLY C 245 3.50 -4.84 1.39
C GLY C 245 4.01 -5.28 0.03
N THR C 246 3.81 -6.57 -0.25
CA THR C 246 4.32 -7.16 -1.48
C THR C 246 3.55 -6.64 -2.70
N PHE C 247 2.24 -6.44 -2.56
CA PHE C 247 1.43 -6.03 -3.71
C PHE C 247 1.87 -4.67 -4.23
N PHE C 248 2.13 -3.71 -3.33
CA PHE C 248 2.52 -2.38 -3.78
C PHE C 248 3.95 -2.35 -4.29
N CYS C 249 4.83 -3.17 -3.72
CA CYS C 249 6.16 -3.36 -4.31
C CYS C 249 6.04 -3.82 -5.76
N LYS C 250 5.24 -4.87 -6.00
CA LYS C 250 5.05 -5.38 -7.34
C LYS C 250 4.46 -4.31 -8.25
N LEU C 251 3.41 -3.65 -7.79
CA LEU C 251 2.72 -2.67 -8.63
C LEU C 251 3.62 -1.49 -8.97
N SER C 252 4.37 -0.98 -7.99
CA SER C 252 5.24 0.15 -8.24
C SER C 252 6.34 -0.20 -9.21
N SER C 253 7.00 -1.35 -9.02
CA SER C 253 8.06 -1.74 -9.94
C SER C 253 7.53 -2.00 -11.34
N TYR C 254 6.36 -2.63 -11.43
CA TYR C 254 5.73 -2.87 -12.71
C TYR C 254 5.39 -1.56 -13.40
N LEU C 255 4.92 -0.57 -12.64
CA LEU C 255 4.61 0.73 -13.23
C LEU C 255 5.88 1.44 -13.69
N ILE C 256 6.99 1.26 -12.97
CA ILE C 256 8.26 1.84 -13.42
C ILE C 256 8.64 1.28 -14.79
N PHE C 257 8.60 -0.05 -14.93
CA PHE C 257 8.98 -0.62 -16.22
C PHE C 257 7.95 -0.32 -17.31
N VAL C 258 6.67 -0.25 -16.95
CA VAL C 258 5.65 0.13 -17.91
C VAL C 258 5.88 1.55 -18.40
N ASN C 259 6.23 2.46 -17.49
CA ASN C 259 6.55 3.82 -17.88
C ASN C 259 7.72 3.83 -18.86
N MET C 260 8.78 3.10 -18.55
CA MET C 260 9.95 3.06 -19.44
C MET C 260 9.55 2.57 -20.83
N TYR C 261 8.90 1.41 -20.89
CA TYR C 261 8.55 0.82 -22.18
C TYR C 261 7.60 1.71 -22.97
N ALA C 262 6.54 2.19 -22.31
CA ALA C 262 5.55 3.01 -23.00
C ALA C 262 6.16 4.31 -23.49
N SER C 263 7.02 4.94 -22.69
CA SER C 263 7.66 6.18 -23.11
C SER C 263 8.53 5.95 -24.33
N VAL C 264 9.36 4.90 -24.31
CA VAL C 264 10.25 4.68 -25.44
C VAL C 264 9.45 4.29 -26.69
N PHE C 265 8.36 3.55 -26.51
CA PHE C 265 7.54 3.18 -27.66
C PHE C 265 6.82 4.39 -28.24
N CYS C 266 6.33 5.29 -27.39
CA CYS C 266 5.67 6.49 -27.88
C CYS C 266 6.64 7.40 -28.60
N LEU C 267 7.88 7.52 -28.09
CA LEU C 267 8.87 8.31 -28.81
C LEU C 267 9.26 7.66 -30.13
N THR C 268 9.30 6.33 -30.17
CA THR C 268 9.55 5.63 -31.43
C THR C 268 8.43 5.91 -32.41
N GLY C 269 7.18 5.91 -31.94
CA GLY C 269 6.06 6.22 -32.82
C GLY C 269 6.11 7.65 -33.32
N LEU C 270 6.49 8.59 -32.46
CA LEU C 270 6.63 9.98 -32.89
C LEU C 270 7.71 10.11 -33.96
N SER C 271 8.84 9.43 -33.77
CA SER C 271 9.91 9.49 -34.76
C SER C 271 9.47 8.85 -36.07
N PHE C 272 8.73 7.75 -36.00
CA PHE C 272 8.22 7.10 -37.21
C PHE C 272 7.23 8.02 -37.94
N ASP C 273 6.38 8.72 -37.18
CA ASP C 273 5.46 9.66 -37.79
C ASP C 273 6.21 10.80 -38.47
N ARG C 274 7.27 11.30 -37.85
CA ARG C 274 8.08 12.33 -38.49
C ARG C 274 8.75 11.81 -39.75
N TYR C 275 9.24 10.58 -39.72
CA TYR C 275 9.83 9.97 -40.90
C TYR C 275 8.79 9.86 -42.02
N LEU C 276 7.56 9.51 -41.67
CA LEU C 276 6.50 9.39 -42.66
C LEU C 276 6.17 10.76 -43.26
N ALA C 277 5.95 11.76 -42.43
CA ALA C 277 5.52 13.06 -42.89
C ALA C 277 6.64 13.90 -43.49
N ILE C 278 7.89 13.48 -43.35
CA ILE C 278 9.02 14.25 -43.85
C ILE C 278 9.71 13.57 -45.03
N VAL C 279 9.73 12.24 -45.08
CA VAL C 279 10.47 11.51 -46.09
C VAL C 279 9.55 10.95 -47.17
N ARG C 280 8.45 10.31 -46.77
CA ARG C 280 7.51 9.68 -47.70
C ARG C 280 6.10 10.20 -47.43
N PRO C 281 5.79 11.42 -47.85
CA PRO C 281 4.42 11.94 -47.62
C PRO C 281 3.34 11.08 -48.25
N VAL C 282 3.58 10.53 -49.44
CA VAL C 282 2.60 9.66 -50.07
C VAL C 282 2.44 8.36 -49.27
N ALA C 283 3.55 7.73 -48.92
CA ALA C 283 3.49 6.56 -48.05
C ALA C 283 2.97 6.93 -46.68
N ASN C 284 3.21 8.16 -46.23
CA ASN C 284 2.61 8.62 -44.97
C ASN C 284 1.09 8.60 -45.05
N ALA C 285 0.53 9.13 -46.14
CA ALA C 285 -0.91 9.10 -46.32
C ALA C 285 -1.42 7.67 -46.42
N ARG C 286 -0.70 6.81 -47.14
CA ARG C 286 -1.12 5.41 -47.27
C ARG C 286 -1.15 4.72 -45.91
N LEU C 287 -0.12 4.93 -45.08
CA LEU C 287 -0.08 4.30 -43.77
C LEU C 287 -1.11 4.90 -42.83
N ARG C 288 -1.39 6.21 -42.94
CA ARG C 288 -2.46 6.80 -42.16
C ARG C 288 -3.81 6.19 -42.52
N LEU C 289 -4.02 5.93 -43.82
CA LEU C 289 -5.22 5.22 -44.23
C LEU C 289 -5.25 3.81 -43.67
N ARG C 290 -4.09 3.14 -43.64
CA ARG C 290 -4.03 1.77 -43.12
C ARG C 290 -3.95 1.75 -41.59
N VAL C 291 -2.91 2.35 -41.03
CA VAL C 291 -2.65 2.28 -39.60
C VAL C 291 -3.32 3.46 -38.91
N SER C 292 -4.06 3.17 -37.83
CA SER C 292 -4.74 4.18 -37.05
C SER C 292 -4.01 4.44 -35.74
N GLY C 293 -4.17 5.65 -35.20
CA GLY C 293 -3.48 6.00 -33.98
C GLY C 293 -3.95 5.20 -32.77
N ALA C 294 -5.25 4.95 -32.69
CA ALA C 294 -5.78 4.19 -31.55
C ALA C 294 -5.22 2.77 -31.52
N VAL C 295 -5.11 2.14 -32.68
CA VAL C 295 -4.56 0.78 -32.73
C VAL C 295 -3.10 0.78 -32.30
N ALA C 296 -2.32 1.76 -32.77
CA ALA C 296 -0.92 1.84 -32.37
C ALA C 296 -0.78 2.07 -30.87
N THR C 297 -1.60 2.95 -30.31
CA THR C 297 -1.54 3.20 -28.87
C THR C 297 -1.90 1.95 -28.08
N ALA C 298 -2.96 1.24 -28.49
CA ALA C 298 -3.34 0.02 -27.79
C ALA C 298 -2.25 -1.03 -27.88
N VAL C 299 -1.65 -1.19 -29.06
CA VAL C 299 -0.60 -2.18 -29.23
C VAL C 299 0.60 -1.84 -28.35
N LEU C 300 1.01 -0.57 -28.34
CA LEU C 300 2.19 -0.21 -27.56
C LEU C 300 1.93 -0.37 -26.07
N TRP C 301 0.74 -0.01 -25.59
CA TRP C 301 0.45 -0.15 -24.17
C TRP C 301 0.34 -1.61 -23.76
N VAL C 302 -0.29 -2.45 -24.59
CA VAL C 302 -0.36 -3.88 -24.29
C VAL C 302 1.03 -4.48 -24.28
N LEU C 303 1.88 -4.09 -25.24
CA LEU C 303 3.24 -4.61 -25.28
C LEU C 303 4.02 -4.19 -24.05
N ALA C 304 3.87 -2.94 -23.62
CA ALA C 304 4.54 -2.48 -22.41
C ALA C 304 4.09 -3.29 -21.19
N ALA C 305 2.79 -3.53 -21.07
CA ALA C 305 2.28 -4.31 -19.95
C ALA C 305 2.83 -5.72 -19.96
N LEU C 306 2.83 -6.36 -21.13
CA LEU C 306 3.35 -7.73 -21.22
C LEU C 306 4.84 -7.79 -20.92
N LEU C 307 5.60 -6.80 -21.38
CA LEU C 307 7.03 -6.79 -21.15
C LEU C 307 7.37 -6.51 -19.69
N ALA C 308 6.54 -5.73 -18.99
CA ALA C 308 6.79 -5.45 -17.59
C ALA C 308 6.15 -6.47 -16.66
N MET C 309 5.33 -7.39 -17.16
CA MET C 309 4.76 -8.44 -16.34
C MET C 309 5.79 -9.28 -15.57
N PRO C 310 6.96 -9.65 -16.14
CA PRO C 310 7.92 -10.42 -15.34
C PRO C 310 8.31 -9.76 -14.04
N VAL C 311 8.44 -8.43 -14.03
CA VAL C 311 8.74 -7.71 -12.80
C VAL C 311 7.63 -7.89 -11.79
N MET C 312 6.37 -7.80 -12.24
CA MET C 312 5.24 -8.00 -11.33
C MET C 312 5.25 -9.41 -10.76
N VAL C 313 5.58 -10.40 -11.59
CA VAL C 313 5.56 -11.78 -11.13
C VAL C 313 6.68 -12.03 -10.11
N LEU C 314 7.89 -11.58 -10.41
CA LEU C 314 9.06 -11.99 -9.65
C LEU C 314 9.39 -11.09 -8.46
N ARG C 315 9.00 -9.82 -8.51
CA ARG C 315 9.29 -8.93 -7.40
C ARG C 315 8.54 -9.36 -6.15
N THR C 316 9.16 -9.17 -5.00
CA THR C 316 8.57 -9.53 -3.73
C THR C 316 9.19 -8.67 -2.64
N THR C 317 8.73 -8.88 -1.40
CA THR C 317 9.25 -8.18 -0.24
C THR C 317 9.80 -9.20 0.74
N GLY C 318 10.99 -8.91 1.27
CA GLY C 318 11.62 -9.84 2.18
C GLY C 318 12.59 -9.13 3.09
N ASP C 319 12.64 -9.59 4.33
CA ASP C 319 13.58 -9.06 5.33
C ASP C 319 14.98 -9.63 5.06
N LEU C 320 15.51 -9.28 3.90
CA LEU C 320 16.87 -9.67 3.56
C LEU C 320 17.85 -9.11 4.58
N GLU C 321 18.85 -9.92 4.91
CA GLU C 321 20.08 -9.53 5.60
C GLU C 321 19.88 -9.35 7.10
N ASN C 322 18.69 -9.58 7.64
CA ASN C 322 18.39 -9.45 9.07
C ASN C 322 18.76 -8.07 9.60
N THR C 323 18.07 -7.05 9.07
CA THR C 323 18.22 -5.69 9.56
C THR C 323 16.88 -5.09 9.97
N THR C 324 15.86 -5.92 10.16
CA THR C 324 14.50 -5.48 10.47
C THR C 324 14.02 -4.43 9.48
N LYS C 325 14.36 -4.61 8.21
CA LYS C 325 13.92 -3.72 7.14
C LYS C 325 13.50 -4.58 5.95
N VAL C 326 12.20 -4.66 5.71
CA VAL C 326 11.70 -5.41 4.56
C VAL C 326 12.09 -4.68 3.28
N GLN C 327 12.69 -5.41 2.35
CA GLN C 327 13.21 -4.84 1.12
C GLN C 327 12.44 -5.39 -0.08
N CYS C 328 12.21 -4.52 -1.05
CA CYS C 328 11.45 -4.85 -2.26
C CYS C 328 12.45 -5.25 -3.34
N TYR C 329 12.59 -6.55 -3.57
CA TYR C 329 13.63 -7.09 -4.43
C TYR C 329 13.03 -8.13 -5.38
N MET C 330 13.70 -8.31 -6.52
CA MET C 330 13.31 -9.35 -7.46
C MET C 330 13.74 -10.71 -6.92
N ASP C 331 12.82 -11.65 -6.90
CA ASP C 331 13.06 -12.99 -6.36
C ASP C 331 13.06 -13.99 -7.51
N TYR C 332 14.25 -14.36 -7.96
CA TYR C 332 14.40 -15.39 -8.98
C TYR C 332 14.45 -16.79 -8.39
N SER C 333 14.12 -16.93 -7.10
CA SER C 333 14.11 -18.23 -6.46
C SER C 333 13.01 -19.12 -7.02
N MET C 334 11.86 -18.52 -7.37
CA MET C 334 10.73 -19.31 -7.85
C MET C 334 11.00 -19.88 -9.24
N VAL C 335 11.64 -19.09 -10.12
CA VAL C 335 11.79 -19.47 -11.51
C VAL C 335 13.12 -20.13 -11.81
N ALA C 336 13.98 -20.31 -10.81
CA ALA C 336 15.29 -20.90 -11.04
C ALA C 336 15.85 -21.42 -9.73
N THR C 337 16.88 -22.26 -9.85
CA THR C 337 17.64 -22.72 -8.71
C THR C 337 18.70 -21.67 -8.37
N VAL C 338 19.59 -22.01 -7.44
CA VAL C 338 20.69 -21.09 -7.10
C VAL C 338 21.67 -20.99 -8.26
N SER C 339 21.92 -22.11 -8.95
CA SER C 339 22.90 -22.14 -10.03
C SER C 339 22.45 -21.36 -11.26
N SER C 340 21.18 -20.98 -11.36
CA SER C 340 20.67 -20.26 -12.51
C SER C 340 20.05 -18.92 -12.15
N GLU C 341 20.17 -18.50 -10.89
CA GLU C 341 19.64 -17.21 -10.49
C GLU C 341 20.33 -16.08 -11.25
N TRP C 342 21.66 -16.15 -11.36
CA TRP C 342 22.39 -15.14 -12.13
C TRP C 342 22.00 -15.16 -13.59
N ALA C 343 21.79 -16.36 -14.15
CA ALA C 343 21.41 -16.46 -15.56
C ALA C 343 20.05 -15.82 -15.79
N TRP C 344 19.08 -16.09 -14.91
CA TRP C 344 17.76 -15.47 -15.05
C TRP C 344 17.85 -13.97 -14.90
N GLU C 345 18.61 -13.49 -13.92
CA GLU C 345 18.72 -12.05 -13.72
C GLU C 345 19.35 -11.37 -14.92
N VAL C 346 20.44 -11.94 -15.45
CA VAL C 346 21.12 -11.35 -16.60
C VAL C 346 20.22 -11.38 -17.83
N GLY C 347 19.52 -12.50 -18.06
CA GLY C 347 18.64 -12.57 -19.21
C GLY C 347 17.51 -11.56 -19.13
N LEU C 348 16.86 -11.46 -17.97
CA LEU C 348 15.78 -10.49 -17.83
C LEU C 348 16.29 -9.06 -17.99
N GLY C 349 17.43 -8.73 -17.38
CA GLY C 349 17.95 -7.39 -17.48
C GLY C 349 18.37 -7.03 -18.90
N VAL C 350 19.03 -7.95 -19.59
CA VAL C 350 19.47 -7.69 -20.96
C VAL C 350 18.27 -7.57 -21.89
N SER C 351 17.25 -8.41 -21.71
CA SER C 351 16.06 -8.31 -22.54
C SER C 351 15.34 -6.99 -22.30
N SER C 352 15.21 -6.58 -21.04
CA SER C 352 14.59 -5.30 -20.73
C SER C 352 15.37 -4.15 -21.36
N THR C 353 16.70 -4.16 -21.22
CA THR C 353 17.52 -3.11 -21.78
C THR C 353 17.40 -3.08 -23.30
N THR C 354 17.43 -4.24 -23.95
CA THR C 354 17.29 -4.32 -25.39
C THR C 354 15.96 -3.72 -25.83
N VAL C 355 14.85 -4.35 -25.43
CA VAL C 355 13.54 -3.92 -25.90
C VAL C 355 13.13 -2.54 -25.40
N GLY C 356 13.85 -1.98 -24.43
CA GLY C 356 13.49 -0.66 -23.95
C GLY C 356 14.41 0.46 -24.40
N PHE C 357 15.62 0.15 -24.85
CA PHE C 357 16.55 1.21 -25.19
C PHE C 357 17.37 0.99 -26.45
N VAL C 358 17.46 -0.22 -27.00
CA VAL C 358 18.35 -0.52 -28.12
C VAL C 358 17.58 -0.62 -29.43
N VAL C 359 16.63 -1.55 -29.51
CA VAL C 359 15.78 -1.62 -30.71
C VAL C 359 14.97 -0.35 -30.91
N PRO C 360 14.25 0.19 -29.91
CA PRO C 360 13.54 1.45 -30.15
C PRO C 360 14.45 2.58 -30.58
N PHE C 361 15.63 2.70 -29.99
CA PHE C 361 16.53 3.76 -30.40
C PHE C 361 17.23 3.47 -31.71
N THR C 362 17.40 2.20 -32.08
CA THR C 362 17.87 1.90 -33.43
C THR C 362 16.84 2.36 -34.46
N ILE C 363 15.56 2.09 -34.21
CA ILE C 363 14.52 2.57 -35.10
C ILE C 363 14.51 4.09 -35.13
N MET C 364 14.66 4.71 -33.95
CA MET C 364 14.66 6.17 -33.85
C MET C 364 15.80 6.76 -34.67
N LEU C 365 16.99 6.18 -34.56
CA LEU C 365 18.15 6.72 -35.26
C LEU C 365 18.06 6.50 -36.76
N THR C 366 17.51 5.36 -37.19
CA THR C 366 17.30 5.17 -38.62
C THR C 366 16.32 6.20 -39.17
N CYS C 367 15.21 6.41 -38.44
CA CYS C 367 14.24 7.41 -38.85
C CYS C 367 14.85 8.81 -38.91
N TYR C 368 15.66 9.16 -37.90
CA TYR C 368 16.25 10.48 -37.85
C TYR C 368 17.31 10.65 -38.94
N PHE C 369 18.06 9.60 -39.23
CA PHE C 369 19.05 9.67 -40.30
C PHE C 369 18.37 9.92 -41.64
N PHE C 370 17.27 9.20 -41.91
CA PHE C 370 16.58 9.43 -43.17
C PHE C 370 15.89 10.79 -43.20
N ILE C 371 15.38 11.25 -42.06
CA ILE C 371 14.79 12.59 -41.98
C ILE C 371 15.83 13.64 -42.31
N ALA C 372 17.02 13.51 -41.74
CA ALA C 372 18.09 14.46 -42.01
C ALA C 372 18.53 14.39 -43.46
N GLN C 373 18.59 13.19 -44.03
CA GLN C 373 18.98 13.05 -45.43
C GLN C 373 17.97 13.75 -46.35
N THR C 374 16.69 13.62 -46.05
CA THR C 374 15.68 14.31 -46.85
C THR C 374 15.72 15.82 -46.61
N ILE C 375 15.95 16.25 -45.37
CA ILE C 375 15.99 17.67 -45.05
C ILE C 375 17.17 18.34 -45.73
N ALA C 376 18.27 17.61 -45.92
CA ALA C 376 19.41 18.17 -46.63
C ALA C 376 19.00 18.63 -48.02
N GLY C 377 18.27 17.80 -48.76
CA GLY C 377 17.74 18.23 -50.04
C GLY C 377 16.65 19.28 -49.90
N HIS C 378 15.82 19.16 -48.87
CA HIS C 378 14.73 20.12 -48.66
C HIS C 378 15.25 21.53 -48.38
N PHE C 379 16.51 21.65 -47.95
CA PHE C 379 17.08 22.98 -47.71
C PHE C 379 17.11 23.83 -48.96
N ARG C 380 17.04 23.21 -50.15
CA ARG C 380 17.05 23.93 -51.41
C ARG C 380 15.71 23.89 -52.13
N LYS C 381 14.65 23.46 -51.46
CA LYS C 381 13.35 23.29 -52.10
C LYS C 381 12.26 23.34 -51.02
N GLU C 382 11.06 22.89 -51.39
CA GLU C 382 9.93 22.71 -50.47
C GLU C 382 9.35 24.03 -49.97
N ARG C 383 8.12 23.98 -49.47
CA ARG C 383 7.43 25.17 -48.98
C ARG C 383 7.99 25.61 -47.63
N ILE C 384 8.12 26.93 -47.45
CA ILE C 384 8.72 27.45 -46.23
C ILE C 384 7.82 27.21 -45.01
N GLU C 385 6.50 27.40 -45.18
CA GLU C 385 5.59 27.26 -44.04
C GLU C 385 5.51 25.82 -43.57
N GLY C 386 5.36 24.88 -44.52
CA GLY C 386 5.36 23.47 -44.15
C GLY C 386 6.69 23.04 -43.56
N LEU C 387 7.79 23.59 -44.09
CA LEU C 387 9.10 23.30 -43.51
C LEU C 387 9.19 23.79 -42.07
N ARG C 388 8.62 24.96 -41.79
CA ARG C 388 8.66 25.49 -40.43
C ARG C 388 7.80 24.65 -39.48
N LYS C 389 6.62 24.23 -39.93
CA LYS C 389 5.79 23.36 -39.09
C LYS C 389 6.48 22.04 -38.81
N ARG C 390 7.08 21.43 -39.85
CA ARG C 390 7.85 20.22 -39.64
C ARG C 390 9.02 20.48 -38.70
N ARG C 391 9.66 21.64 -38.82
CA ARG C 391 10.77 21.99 -37.94
C ARG C 391 10.32 22.03 -36.49
N ARG C 392 9.16 22.66 -36.23
CA ARG C 392 8.67 22.76 -34.86
C ARG C 392 8.36 21.37 -34.29
N LEU C 393 7.58 20.57 -35.00
CA LEU C 393 7.20 19.27 -34.47
C LEU C 393 8.41 18.35 -34.34
N LEU C 394 9.29 18.34 -35.35
CA LEU C 394 10.50 17.55 -35.28
C LEU C 394 11.41 18.02 -34.14
N SER C 395 11.44 19.32 -33.87
CA SER C 395 12.28 19.83 -32.80
C SER C 395 11.78 19.35 -31.46
N ILE C 396 10.47 19.45 -31.21
CA ILE C 396 9.98 19.00 -29.91
C ILE C 396 10.15 17.49 -29.76
N ILE C 397 9.95 16.73 -30.85
CA ILE C 397 10.08 15.28 -30.76
C ILE C 397 11.53 14.87 -30.56
N VAL C 398 12.46 15.54 -31.25
CA VAL C 398 13.87 15.23 -31.10
C VAL C 398 14.36 15.62 -29.70
N VAL C 399 13.85 16.73 -29.16
CA VAL C 399 14.20 17.11 -27.79
C VAL C 399 13.71 16.05 -26.81
N LEU C 400 12.48 15.56 -27.01
CA LEU C 400 11.97 14.50 -26.14
C LEU C 400 12.83 13.24 -26.24
N VAL C 401 13.19 12.85 -27.46
CA VAL C 401 13.99 11.64 -27.66
C VAL C 401 15.35 11.79 -27.00
N VAL C 402 16.00 12.94 -27.18
CA VAL C 402 17.33 13.15 -26.62
C VAL C 402 17.26 13.21 -25.09
N THR C 403 16.24 13.84 -24.54
CA THR C 403 16.08 13.88 -23.09
C THR C 403 15.86 12.48 -22.53
N PHE C 404 15.03 11.68 -23.19
CA PHE C 404 14.84 10.30 -22.77
C PHE C 404 16.15 9.52 -22.83
N ALA C 405 16.93 9.74 -23.87
CA ALA C 405 18.22 9.06 -23.99
C ALA C 405 19.14 9.44 -22.83
N LEU C 406 19.30 10.74 -22.57
CA LEU C 406 20.18 11.16 -21.50
C LEU C 406 19.68 10.72 -20.13
N CYS C 407 18.38 10.55 -19.97
CA CYS C 407 17.84 10.18 -18.67
C CYS C 407 17.93 8.68 -18.42
N TRP C 408 17.64 7.86 -19.42
CA TRP C 408 17.62 6.41 -19.25
C TRP C 408 18.89 5.73 -19.75
N MET C 409 19.90 6.48 -20.18
CA MET C 409 21.15 5.87 -20.59
C MET C 409 22.03 5.51 -19.40
N PRO C 410 22.17 6.36 -18.37
CA PRO C 410 22.92 5.92 -17.19
C PRO C 410 22.36 4.65 -16.56
N TYR C 411 21.03 4.54 -16.44
CA TYR C 411 20.44 3.36 -15.83
C TYR C 411 20.77 2.10 -16.61
N HIS C 412 20.50 2.11 -17.91
CA HIS C 412 20.73 0.93 -18.73
C HIS C 412 22.22 0.61 -18.85
N LEU C 413 23.05 1.65 -18.97
CA LEU C 413 24.49 1.43 -19.08
C LEU C 413 25.05 0.80 -17.82
N VAL C 414 24.67 1.31 -16.65
CA VAL C 414 25.19 0.75 -15.41
C VAL C 414 24.65 -0.66 -15.20
N LYS C 415 23.37 -0.88 -15.52
CA LYS C 415 22.80 -2.22 -15.39
C LYS C 415 23.52 -3.22 -16.27
N THR C 416 23.76 -2.85 -17.54
CA THR C 416 24.43 -3.76 -18.47
C THR C 416 25.88 -3.98 -18.07
N LEU C 417 26.55 -2.94 -17.58
CA LEU C 417 27.93 -3.11 -17.11
C LEU C 417 27.98 -4.07 -15.92
N TYR C 418 27.04 -3.93 -14.98
CA TYR C 418 27.00 -4.83 -13.85
C TYR C 418 26.74 -6.27 -14.29
N MET C 419 25.82 -6.46 -15.23
CA MET C 419 25.54 -7.81 -15.72
C MET C 419 26.77 -8.40 -16.43
N LEU C 420 27.43 -7.61 -17.27
CA LEU C 420 28.59 -8.08 -18.01
C LEU C 420 29.81 -8.26 -17.11
N GLY C 421 29.81 -7.66 -15.92
CA GLY C 421 30.91 -7.85 -15.00
C GLY C 421 31.10 -9.29 -14.58
N SER C 422 30.01 -10.04 -14.45
CA SER C 422 30.13 -11.45 -14.14
C SER C 422 30.84 -12.21 -15.25
N LEU C 423 30.52 -11.89 -16.50
CA LEU C 423 31.18 -12.55 -17.62
C LEU C 423 32.64 -12.13 -17.75
N LEU C 424 32.94 -10.86 -17.51
CA LEU C 424 34.29 -10.35 -17.66
C LEU C 424 35.10 -10.40 -16.37
N HIS C 425 34.50 -10.83 -15.26
CA HIS C 425 35.17 -10.90 -13.96
C HIS C 425 35.80 -9.56 -13.61
N TRP C 426 34.94 -8.54 -13.54
CA TRP C 426 35.40 -7.19 -13.23
C TRP C 426 35.89 -7.11 -11.79
N PRO C 427 36.78 -6.17 -11.49
CA PRO C 427 37.33 -6.08 -10.13
C PRO C 427 36.27 -5.75 -9.08
N CYS C 428 36.66 -5.96 -7.83
CA CYS C 428 35.77 -5.68 -6.69
C CYS C 428 35.38 -4.21 -6.65
N ASP C 429 36.36 -3.33 -6.84
CA ASP C 429 36.12 -1.89 -6.69
C ASP C 429 35.14 -1.38 -7.72
N PHE C 430 35.26 -1.84 -8.97
CA PHE C 430 34.35 -1.37 -10.01
C PHE C 430 32.93 -1.84 -9.75
N ASP C 431 32.76 -3.09 -9.29
CA ASP C 431 31.43 -3.57 -8.95
C ASP C 431 30.82 -2.76 -7.82
N LEU C 432 31.62 -2.44 -6.80
CA LEU C 432 31.12 -1.59 -5.72
C LEU C 432 30.76 -0.19 -6.23
N PHE C 433 31.57 0.36 -7.13
CA PHE C 433 31.30 1.69 -7.65
C PHE C 433 29.99 1.71 -8.43
N LEU C 434 29.76 0.69 -9.26
CA LEU C 434 28.49 0.59 -9.97
C LEU C 434 27.34 0.43 -8.99
N MET C 435 27.53 -0.38 -7.96
CA MET C 435 26.49 -0.57 -6.94
C MET C 435 26.07 0.76 -6.34
N ASN C 436 27.04 1.57 -5.93
CA ASN C 436 26.72 2.82 -5.26
C ASN C 436 26.25 3.90 -6.23
N ILE C 437 26.68 3.86 -7.49
CA ILE C 437 26.25 4.86 -8.45
C ILE C 437 24.87 4.54 -9.02
N PHE C 438 24.39 3.31 -8.88
CA PHE C 438 23.09 2.95 -9.43
C PHE C 438 21.92 3.76 -8.88
N PRO C 439 21.81 4.03 -7.57
CA PRO C 439 20.67 4.83 -7.11
C PRO C 439 20.55 6.19 -7.77
N TYR C 440 21.68 6.86 -8.03
CA TYR C 440 21.63 8.14 -8.71
C TYR C 440 21.19 7.99 -10.15
N CYS C 441 21.62 6.92 -10.82
CA CYS C 441 21.13 6.64 -12.16
C CYS C 441 19.62 6.40 -12.16
N THR C 442 19.14 5.69 -11.14
CA THR C 442 17.71 5.46 -10.99
C THR C 442 16.96 6.77 -10.81
N CYS C 443 17.49 7.66 -9.98
CA CYS C 443 16.86 8.97 -9.78
C CYS C 443 16.83 9.78 -11.07
N ILE C 444 17.93 9.77 -11.82
CA ILE C 444 17.97 10.50 -13.09
C ILE C 444 16.95 9.92 -14.07
N SER C 445 16.82 8.60 -14.09
CA SER C 445 15.81 7.98 -14.95
C SER C 445 14.41 8.39 -14.53
N TYR C 446 14.17 8.50 -13.22
CA TYR C 446 12.85 8.92 -12.75
C TYR C 446 12.55 10.37 -13.10
N VAL C 447 13.58 11.22 -13.18
CA VAL C 447 13.37 12.64 -13.46
C VAL C 447 12.74 12.85 -14.83
N ASN C 448 12.95 11.91 -15.76
CA ASN C 448 12.38 12.03 -17.10
C ASN C 448 10.86 12.06 -17.06
N SER C 449 10.24 11.44 -16.06
CA SER C 449 8.78 11.42 -15.98
C SER C 449 8.19 12.80 -15.74
N CYS C 450 9.01 13.76 -15.29
CA CYS C 450 8.56 15.12 -15.09
C CYS C 450 9.25 16.13 -15.99
N LEU C 451 10.36 15.76 -16.63
CA LEU C 451 11.06 16.73 -17.48
C LEU C 451 10.26 17.08 -18.73
N ASN C 452 9.39 16.18 -19.20
CA ASN C 452 8.74 16.35 -20.50
C ASN C 452 7.83 17.57 -20.60
N PRO C 453 6.94 17.86 -19.64
CA PRO C 453 6.06 19.03 -19.80
C PRO C 453 6.81 20.34 -19.94
N PHE C 454 7.95 20.49 -19.28
CA PHE C 454 8.74 21.71 -19.46
C PHE C 454 9.28 21.81 -20.88
N LEU C 455 9.68 20.67 -21.45
CA LEU C 455 10.11 20.65 -22.85
C LEU C 455 8.97 21.05 -23.76
N TYR C 456 7.76 20.58 -23.47
CA TYR C 456 6.60 21.04 -24.24
C TYR C 456 6.42 22.54 -24.12
N ALA C 457 6.57 23.07 -22.90
CA ALA C 457 6.37 24.50 -22.67
C ALA C 457 7.38 25.33 -23.45
N PHE C 458 8.65 24.94 -23.45
CA PHE C 458 9.68 25.76 -24.08
C PHE C 458 9.73 25.63 -25.59
N PHE C 459 9.16 24.58 -26.16
CA PHE C 459 9.27 24.35 -27.60
C PHE C 459 7.92 24.34 -28.31
N ASP C 460 6.97 23.54 -27.84
CA ASP C 460 5.68 23.42 -28.53
C ASP C 460 4.88 24.69 -28.35
N PRO C 461 4.53 25.40 -29.43
CA PRO C 461 3.72 26.61 -29.27
C PRO C 461 2.31 26.33 -28.78
N ARG C 462 1.77 25.14 -29.06
CA ARG C 462 0.40 24.83 -28.66
C ARG C 462 0.25 24.82 -27.16
N PHE C 463 1.22 24.26 -26.44
CA PHE C 463 1.12 24.19 -24.99
C PHE C 463 1.20 25.57 -24.35
N ARG C 464 2.01 26.46 -24.90
CA ARG C 464 2.10 27.81 -24.35
C ARG C 464 0.78 28.55 -24.47
N GLN C 465 0.08 28.37 -25.60
CA GLN C 465 -1.21 29.03 -25.79
C GLN C 465 -2.23 28.55 -24.77
N ALA C 466 -2.28 27.24 -24.52
CA ALA C 466 -3.23 26.68 -23.57
C ALA C 466 -2.81 26.97 -22.13
N SER D 164 -18.41 -16.39 33.95
CA SER D 164 -19.27 -16.90 32.90
C SER D 164 -20.39 -15.92 32.57
N GLU D 165 -20.04 -14.84 31.86
CA GLU D 165 -20.99 -13.80 31.49
C GLU D 165 -21.56 -14.02 30.09
N CYS D 166 -20.69 -14.10 29.09
CA CYS D 166 -21.11 -14.18 27.69
C CYS D 166 -19.89 -14.53 26.85
N GLU D 167 -20.11 -14.73 25.56
CA GLU D 167 -19.04 -15.05 24.63
C GLU D 167 -18.39 -13.77 24.11
N TYR D 168 -17.11 -13.89 23.73
CA TYR D 168 -16.37 -12.80 23.13
C TYR D 168 -15.90 -13.12 21.71
N THR D 169 -16.41 -14.19 21.11
CA THR D 169 -15.97 -14.61 19.80
C THR D 169 -16.63 -13.74 18.72
N ASP D 170 -16.48 -14.14 17.46
CA ASP D 170 -16.95 -13.36 16.33
C ASP D 170 -17.90 -14.16 15.44
N TRP D 171 -18.72 -15.00 16.06
CA TRP D 171 -19.77 -15.75 15.36
C TRP D 171 -19.20 -16.63 14.26
N LYS D 172 -20.04 -17.00 13.30
CA LYS D 172 -19.60 -17.82 12.18
C LYS D 172 -18.69 -17.00 11.26
N SER D 173 -17.69 -17.68 10.69
CA SER D 173 -16.72 -17.02 9.83
C SER D 173 -17.35 -16.51 8.53
N SER D 174 -18.48 -17.07 8.11
CA SER D 174 -19.21 -16.68 6.91
C SER D 174 -18.40 -16.86 5.63
N GLY D 175 -17.24 -17.51 5.71
CA GLY D 175 -16.44 -17.75 4.53
C GLY D 175 -15.90 -16.46 3.92
N ALA D 176 -15.65 -16.51 2.62
CA ALA D 176 -15.15 -15.36 1.86
C ALA D 176 -16.27 -14.57 1.21
N LEU D 177 -17.47 -14.57 1.81
CA LEU D 177 -18.60 -13.87 1.22
C LEU D 177 -18.37 -12.37 1.19
N ILE D 178 -17.90 -11.79 2.30
CA ILE D 178 -17.64 -10.36 2.34
C ILE D 178 -16.53 -9.95 1.38
N PRO D 179 -15.38 -10.61 1.33
CA PRO D 179 -14.38 -10.25 0.30
C PRO D 179 -14.89 -10.41 -1.12
N ALA D 180 -15.70 -11.46 -1.37
CA ALA D 180 -16.24 -11.64 -2.71
C ALA D 180 -17.18 -10.50 -3.08
N ILE D 181 -18.03 -10.09 -2.15
CA ILE D 181 -18.91 -8.96 -2.42
C ILE D 181 -18.11 -7.68 -2.62
N TYR D 182 -17.04 -7.51 -1.83
CA TYR D 182 -16.20 -6.34 -2.00
C TYR D 182 -15.56 -6.30 -3.40
N MET D 183 -15.07 -7.45 -3.87
CA MET D 183 -14.44 -7.49 -5.19
C MET D 183 -15.46 -7.27 -6.30
N LEU D 184 -16.63 -7.90 -6.20
CA LEU D 184 -17.66 -7.70 -7.21
C LEU D 184 -18.13 -6.26 -7.23
N VAL D 185 -18.29 -5.66 -6.05
CA VAL D 185 -18.70 -4.27 -5.97
C VAL D 185 -17.60 -3.36 -6.50
N PHE D 186 -16.33 -3.71 -6.28
CA PHE D 186 -15.24 -2.96 -6.88
C PHE D 186 -15.35 -2.93 -8.40
N LEU D 187 -15.49 -4.12 -9.00
CA LEU D 187 -15.58 -4.19 -10.47
C LEU D 187 -16.80 -3.42 -10.98
N LEU D 188 -17.97 -3.70 -10.41
CA LEU D 188 -19.20 -3.10 -10.90
C LEU D 188 -19.20 -1.59 -10.69
N GLY D 189 -18.73 -1.13 -9.53
CA GLY D 189 -18.69 0.30 -9.27
C GLY D 189 -17.70 1.02 -10.16
N THR D 190 -16.52 0.45 -10.36
CA THR D 190 -15.55 1.08 -11.26
C THR D 190 -16.13 1.21 -12.65
N THR D 191 -16.67 0.13 -13.21
CA THR D 191 -17.23 0.17 -14.56
C THR D 191 -18.39 1.16 -14.63
N GLY D 192 -19.35 1.04 -13.72
CA GLY D 192 -20.55 1.85 -13.80
C GLY D 192 -20.28 3.33 -13.58
N ASN D 193 -19.40 3.66 -12.64
CA ASN D 193 -19.11 5.06 -12.36
C ASN D 193 -18.23 5.67 -13.45
N GLY D 194 -17.32 4.90 -14.03
CA GLY D 194 -16.63 5.38 -15.22
C GLY D 194 -17.60 5.67 -16.35
N LEU D 195 -18.58 4.80 -16.54
CA LEU D 195 -19.59 5.04 -17.57
C LEU D 195 -20.43 6.26 -17.24
N VAL D 196 -20.75 6.46 -15.95
CA VAL D 196 -21.55 7.62 -15.55
C VAL D 196 -20.80 8.91 -15.81
N LEU D 197 -19.52 8.95 -15.44
CA LEU D 197 -18.71 10.14 -15.72
C LEU D 197 -18.59 10.37 -17.22
N TRP D 198 -18.41 9.30 -17.99
CA TRP D 198 -18.32 9.43 -19.44
C TRP D 198 -19.60 10.02 -20.01
N THR D 199 -20.75 9.52 -19.58
CA THR D 199 -22.02 10.01 -20.09
C THR D 199 -22.28 11.45 -19.68
N VAL D 200 -21.88 11.81 -18.46
CA VAL D 200 -22.11 13.17 -17.99
C VAL D 200 -21.24 14.17 -18.74
N PHE D 201 -19.97 13.84 -18.93
CA PHE D 201 -19.04 14.79 -19.54
C PHE D 201 -18.93 14.65 -21.05
N ARG D 202 -19.63 13.70 -21.67
CA ARG D 202 -19.63 13.62 -23.13
C ARG D 202 -20.71 14.48 -23.77
N SER D 203 -21.77 14.79 -23.04
CA SER D 203 -22.80 15.67 -23.57
C SER D 203 -22.27 17.09 -23.70
N SER D 204 -22.85 17.84 -24.64
CA SER D 204 -22.44 19.22 -24.86
C SER D 204 -22.72 20.07 -23.64
N ARG D 205 -21.80 20.99 -23.33
CA ARG D 205 -21.96 21.83 -22.15
C ARG D 205 -23.20 22.70 -22.25
N GLU D 206 -23.65 23.01 -23.46
CA GLU D 206 -24.88 23.77 -23.62
C GLU D 206 -26.10 22.95 -23.24
N LYS D 207 -26.04 21.62 -23.43
CA LYS D 207 -27.15 20.72 -23.10
C LYS D 207 -26.93 20.00 -21.77
N ARG D 208 -26.26 20.66 -20.82
CA ARG D 208 -25.95 20.07 -19.52
C ARG D 208 -26.79 20.74 -18.45
N ARG D 209 -27.60 19.95 -17.75
CA ARG D 209 -28.36 20.47 -16.63
C ARG D 209 -27.47 20.65 -15.41
N SER D 210 -27.97 21.41 -14.44
CA SER D 210 -27.21 21.64 -13.22
C SER D 210 -26.98 20.34 -12.46
N ALA D 211 -28.04 19.52 -12.32
CA ALA D 211 -27.95 18.31 -11.52
C ALA D 211 -26.79 17.42 -11.93
N ASP D 212 -26.46 17.43 -13.23
CA ASP D 212 -25.38 16.59 -13.73
C ASP D 212 -24.10 16.76 -12.92
N ILE D 213 -23.76 18.00 -12.55
CA ILE D 213 -22.50 18.21 -11.83
C ILE D 213 -22.50 17.40 -10.54
N PHE D 214 -23.61 17.45 -9.79
CA PHE D 214 -23.69 16.66 -8.57
C PHE D 214 -23.55 15.18 -8.88
N ILE D 215 -24.23 14.73 -9.94
CA ILE D 215 -24.10 13.34 -10.37
C ILE D 215 -22.64 13.00 -10.59
N ALA D 216 -21.92 13.89 -11.29
CA ALA D 216 -20.50 13.66 -11.53
C ALA D 216 -19.78 13.42 -10.22
N SER D 217 -20.00 14.31 -9.24
CA SER D 217 -19.31 14.16 -7.96
C SER D 217 -19.63 12.82 -7.34
N LEU D 218 -20.90 12.41 -7.39
CA LEU D 218 -21.28 11.10 -6.87
C LEU D 218 -20.40 10.02 -7.46
N ALA D 219 -20.31 10.00 -8.80
CA ALA D 219 -19.48 9.00 -9.46
C ALA D 219 -18.06 9.08 -8.93
N VAL D 220 -17.49 10.28 -8.88
CA VAL D 220 -16.13 10.45 -8.40
C VAL D 220 -16.01 9.86 -7.01
N ALA D 221 -16.96 10.19 -6.14
CA ALA D 221 -16.94 9.66 -4.78
C ALA D 221 -16.86 8.14 -4.82
N ASP D 222 -17.76 7.52 -5.58
CA ASP D 222 -17.72 6.06 -5.70
C ASP D 222 -16.40 5.61 -6.30
N LEU D 223 -15.94 6.30 -7.35
CA LEU D 223 -14.68 5.93 -7.98
C LEU D 223 -13.50 6.14 -7.05
N THR D 224 -13.65 7.00 -6.03
CA THR D 224 -12.56 7.17 -5.08
C THR D 224 -12.59 6.13 -3.98
N PHE D 225 -13.70 5.41 -3.82
CA PHE D 225 -13.81 4.39 -2.79
C PHE D 225 -13.64 2.98 -3.35
N VAL D 226 -14.27 2.68 -4.49
CA VAL D 226 -14.24 1.32 -5.00
C VAL D 226 -12.81 0.85 -5.25
N VAL D 227 -11.92 1.76 -5.61
CA VAL D 227 -10.54 1.38 -5.89
C VAL D 227 -9.85 0.87 -4.63
N THR D 228 -10.23 1.38 -3.46
CA THR D 228 -9.70 0.87 -2.21
C THR D 228 -10.44 -0.35 -1.71
N LEU D 229 -11.55 -0.71 -2.35
CA LEU D 229 -12.30 -1.89 -1.92
C LEU D 229 -11.51 -3.18 -2.00
N PRO D 230 -10.70 -3.47 -3.04
CA PRO D 230 -9.92 -4.71 -3.02
C PRO D 230 -9.04 -4.84 -1.79
N LEU D 231 -8.38 -3.76 -1.37
CA LEU D 231 -7.54 -3.81 -0.18
C LEU D 231 -8.34 -4.28 1.02
N TRP D 232 -9.48 -3.63 1.28
CA TRP D 232 -10.35 -4.06 2.36
C TRP D 232 -10.73 -5.53 2.22
N ALA D 233 -10.99 -5.97 0.99
CA ALA D 233 -11.32 -7.37 0.76
C ALA D 233 -10.19 -8.27 1.25
N THR D 234 -8.95 -7.92 0.91
CA THR D 234 -7.82 -8.67 1.43
C THR D 234 -7.81 -8.65 2.95
N TYR D 235 -8.11 -7.49 3.53
CA TYR D 235 -8.19 -7.38 4.98
C TYR D 235 -9.12 -8.44 5.55
N THR D 236 -10.25 -8.69 4.88
CA THR D 236 -11.18 -9.67 5.39
C THR D 236 -10.76 -11.09 5.07
N TYR D 237 -9.97 -11.30 4.01
CA TYR D 237 -9.60 -12.65 3.63
C TYR D 237 -8.55 -13.23 4.57
N ARG D 238 -7.63 -12.39 5.04
CA ARG D 238 -6.58 -12.82 5.95
C ARG D 238 -6.98 -12.71 7.42
N ASP D 239 -8.29 -12.77 7.70
CA ASP D 239 -8.81 -12.69 9.06
C ASP D 239 -8.35 -11.41 9.76
N TYR D 240 -8.65 -10.29 9.13
CA TYR D 240 -8.33 -8.96 9.64
C TYR D 240 -6.82 -8.80 9.85
N ASP D 241 -6.10 -8.90 8.75
CA ASP D 241 -4.67 -8.61 8.68
C ASP D 241 -4.45 -7.57 7.60
N TRP D 242 -3.61 -6.57 7.89
CA TRP D 242 -3.41 -5.42 7.00
C TRP D 242 -1.97 -5.40 6.51
N PRO D 243 -1.68 -6.02 5.35
CA PRO D 243 -0.34 -5.96 4.76
C PRO D 243 -0.15 -4.79 3.81
N PHE D 244 -0.54 -3.59 4.25
CA PHE D 244 -0.51 -2.43 3.37
C PHE D 244 0.08 -1.17 4.00
N GLY D 245 0.31 -1.14 5.30
CA GLY D 245 0.93 0.01 5.89
C GLY D 245 -0.06 0.95 6.57
N THR D 246 0.45 1.69 7.55
CA THR D 246 -0.38 2.65 8.27
C THR D 246 -0.91 3.72 7.33
N PHE D 247 -0.08 4.18 6.39
CA PHE D 247 -0.52 5.21 5.46
C PHE D 247 -1.69 4.73 4.63
N PHE D 248 -1.65 3.48 4.15
CA PHE D 248 -2.73 3.00 3.31
C PHE D 248 -3.98 2.66 4.11
N CYS D 249 -3.83 2.19 5.35
CA CYS D 249 -5.00 2.07 6.22
C CYS D 249 -5.68 3.44 6.39
N LYS D 250 -4.86 4.47 6.67
CA LYS D 250 -5.39 5.82 6.82
C LYS D 250 -6.10 6.28 5.56
N LEU D 251 -5.45 6.11 4.40
CA LEU D 251 -6.00 6.60 3.15
C LEU D 251 -7.30 5.87 2.80
N SER D 252 -7.33 4.56 2.98
CA SER D 252 -8.53 3.79 2.66
C SER D 252 -9.69 4.21 3.54
N SER D 253 -9.46 4.34 4.86
CA SER D 253 -10.55 4.75 5.75
C SER D 253 -10.99 6.18 5.46
N TYR D 254 -10.02 7.06 5.16
CA TYR D 254 -10.34 8.43 4.80
C TYR D 254 -11.19 8.49 3.55
N LEU D 255 -10.88 7.65 2.56
CA LEU D 255 -11.69 7.60 1.35
C LEU D 255 -13.07 7.02 1.63
N ILE D 256 -13.18 6.10 2.58
CA ILE D 256 -14.48 5.60 2.99
C ILE D 256 -15.35 6.76 3.49
N PHE D 257 -14.80 7.54 4.41
CA PHE D 257 -15.58 8.63 5.00
C PHE D 257 -15.83 9.75 3.99
N VAL D 258 -14.87 10.01 3.10
CA VAL D 258 -15.06 10.98 2.04
C VAL D 258 -16.20 10.55 1.12
N ASN D 259 -16.23 9.27 0.76
CA ASN D 259 -17.32 8.76 -0.06
C ASN D 259 -18.66 8.97 0.62
N MET D 260 -18.76 8.60 1.90
CA MET D 260 -20.02 8.76 2.61
C MET D 260 -20.46 10.22 2.62
N TYR D 261 -19.57 11.12 3.06
CA TYR D 261 -19.94 12.52 3.20
C TYR D 261 -20.28 13.14 1.85
N ALA D 262 -19.44 12.90 0.84
CA ALA D 262 -19.66 13.49 -0.48
C ALA D 262 -20.94 12.98 -1.10
N SER D 263 -21.23 11.67 -0.97
CA SER D 263 -22.45 11.13 -1.51
C SER D 263 -23.67 11.77 -0.86
N VAL D 264 -23.67 11.87 0.47
CA VAL D 264 -24.85 12.43 1.10
C VAL D 264 -24.98 13.92 0.80
N PHE D 265 -23.87 14.63 0.67
CA PHE D 265 -23.93 16.05 0.34
C PHE D 265 -24.42 16.26 -1.09
N CYS D 266 -24.01 15.38 -2.02
CA CYS D 266 -24.50 15.47 -3.39
C CYS D 266 -25.99 15.18 -3.44
N LEU D 267 -26.46 14.22 -2.67
CA LEU D 267 -27.90 13.96 -2.61
C LEU D 267 -28.65 15.15 -2.03
N THR D 268 -28.09 15.78 -1.00
CA THR D 268 -28.72 16.97 -0.43
C THR D 268 -28.78 18.10 -1.46
N GLY D 269 -27.69 18.31 -2.21
CA GLY D 269 -27.70 19.34 -3.23
C GLY D 269 -28.68 19.04 -4.34
N LEU D 270 -28.79 17.77 -4.74
CA LEU D 270 -29.76 17.37 -5.75
C LEU D 270 -31.18 17.63 -5.27
N SER D 271 -31.46 17.28 -4.02
CA SER D 271 -32.79 17.52 -3.46
C SER D 271 -33.09 19.01 -3.37
N PHE D 272 -32.09 19.82 -3.01
CA PHE D 272 -32.31 21.26 -2.97
C PHE D 272 -32.54 21.82 -4.37
N ASP D 273 -31.84 21.29 -5.37
CA ASP D 273 -32.09 21.71 -6.75
C ASP D 273 -33.50 21.38 -7.19
N ARG D 274 -33.97 20.18 -6.85
CA ARG D 274 -35.34 19.83 -7.15
C ARG D 274 -36.32 20.71 -6.40
N TYR D 275 -35.99 21.07 -5.16
CA TYR D 275 -36.82 21.97 -4.38
C TYR D 275 -36.95 23.32 -5.07
N LEU D 276 -35.82 23.85 -5.53
CA LEU D 276 -35.85 25.14 -6.22
C LEU D 276 -36.67 25.06 -7.50
N ALA D 277 -36.45 24.01 -8.30
CA ALA D 277 -37.17 23.89 -9.57
C ALA D 277 -38.67 23.71 -9.37
N ILE D 278 -39.07 22.93 -8.37
CA ILE D 278 -40.46 22.54 -8.20
C ILE D 278 -41.25 23.64 -7.50
N VAL D 279 -40.85 23.96 -6.27
CA VAL D 279 -41.67 24.81 -5.41
C VAL D 279 -41.56 26.29 -5.75
N ARG D 280 -40.54 26.70 -6.50
CA ARG D 280 -40.24 28.12 -6.54
C ARG D 280 -39.37 28.43 -7.76
N PRO D 281 -39.97 28.51 -8.95
CA PRO D 281 -39.13 28.60 -10.17
C PRO D 281 -38.42 29.93 -10.35
N VAL D 282 -39.10 31.05 -10.07
CA VAL D 282 -38.48 32.36 -10.31
C VAL D 282 -37.27 32.54 -9.43
N ALA D 283 -37.40 32.28 -8.13
CA ALA D 283 -36.25 32.37 -7.26
C ALA D 283 -35.28 31.21 -7.47
N ASN D 284 -35.73 30.11 -8.09
CA ASN D 284 -34.79 29.09 -8.54
C ASN D 284 -33.84 29.66 -9.59
N ALA D 285 -34.38 30.39 -10.57
CA ALA D 285 -33.53 31.06 -11.54
C ALA D 285 -32.66 32.11 -10.88
N ARG D 286 -33.21 32.84 -9.92
CA ARG D 286 -32.42 33.84 -9.20
C ARG D 286 -31.24 33.18 -8.48
N LEU D 287 -31.47 32.07 -7.80
CA LEU D 287 -30.41 31.40 -7.05
C LEU D 287 -29.40 30.75 -8.00
N ARG D 288 -29.86 30.23 -9.14
CA ARG D 288 -28.94 29.72 -10.14
C ARG D 288 -28.03 30.84 -10.65
N LEU D 289 -28.58 32.05 -10.80
CA LEU D 289 -27.75 33.21 -11.10
C LEU D 289 -26.78 33.49 -9.96
N ARG D 290 -27.22 33.36 -8.71
CA ARG D 290 -26.36 33.62 -7.57
C ARG D 290 -25.46 32.44 -7.25
N VAL D 291 -26.06 31.30 -6.91
CA VAL D 291 -25.30 30.12 -6.49
C VAL D 291 -24.74 29.42 -7.72
N SER D 292 -23.44 29.14 -7.71
CA SER D 292 -22.76 28.48 -8.80
C SER D 292 -22.60 26.99 -8.50
N GLY D 293 -22.82 26.16 -9.52
CA GLY D 293 -22.69 24.73 -9.34
C GLY D 293 -21.28 24.30 -9.02
N ALA D 294 -20.30 24.88 -9.70
CA ALA D 294 -18.90 24.54 -9.43
C ALA D 294 -18.51 24.93 -8.01
N VAL D 295 -18.95 26.09 -7.55
CA VAL D 295 -18.66 26.52 -6.19
C VAL D 295 -19.30 25.56 -5.19
N ALA D 296 -20.53 25.12 -5.46
CA ALA D 296 -21.20 24.18 -4.57
C ALA D 296 -20.46 22.85 -4.51
N THR D 297 -20.02 22.35 -5.67
CA THR D 297 -19.29 21.09 -5.70
C THR D 297 -17.97 21.21 -4.94
N ALA D 298 -17.25 22.31 -5.14
CA ALA D 298 -16.01 22.51 -4.43
C ALA D 298 -16.24 22.59 -2.92
N VAL D 299 -17.29 23.30 -2.50
CA VAL D 299 -17.59 23.43 -1.08
C VAL D 299 -17.91 22.06 -0.48
N LEU D 300 -18.74 21.27 -1.17
CA LEU D 300 -19.10 19.96 -0.63
C LEU D 300 -17.90 19.04 -0.54
N TRP D 301 -17.02 19.06 -1.56
CA TRP D 301 -15.86 18.18 -1.51
C TRP D 301 -14.87 18.61 -0.43
N VAL D 302 -14.65 19.92 -0.29
CA VAL D 302 -13.77 20.41 0.76
C VAL D 302 -14.32 20.05 2.13
N LEU D 303 -15.62 20.21 2.32
CA LEU D 303 -16.24 19.87 3.60
C LEU D 303 -16.11 18.38 3.88
N ALA D 304 -16.33 17.54 2.87
CA ALA D 304 -16.17 16.10 3.05
C ALA D 304 -14.74 15.75 3.46
N ALA D 305 -13.76 16.34 2.78
CA ALA D 305 -12.37 16.09 3.13
C ALA D 305 -12.06 16.52 4.56
N LEU D 306 -12.49 17.73 4.93
CA LEU D 306 -12.21 18.23 6.27
C LEU D 306 -12.90 17.40 7.34
N LEU D 307 -14.08 16.87 7.04
CA LEU D 307 -14.80 16.05 8.01
C LEU D 307 -14.21 14.65 8.11
N ALA D 308 -13.63 14.13 7.03
CA ALA D 308 -12.97 12.83 7.07
C ALA D 308 -11.53 12.89 7.56
N MET D 309 -10.97 14.09 7.70
CA MET D 309 -9.63 14.23 8.26
C MET D 309 -9.40 13.51 9.59
N PRO D 310 -10.32 13.53 10.56
CA PRO D 310 -10.05 12.78 11.80
C PRO D 310 -9.76 11.30 11.58
N VAL D 311 -10.44 10.68 10.62
CA VAL D 311 -10.18 9.28 10.31
C VAL D 311 -8.75 9.12 9.79
N MET D 312 -8.31 10.03 8.92
CA MET D 312 -6.94 9.98 8.43
C MET D 312 -5.94 10.15 9.56
N VAL D 313 -6.22 11.06 10.49
CA VAL D 313 -5.27 11.34 11.56
C VAL D 313 -5.16 10.17 12.52
N LEU D 314 -6.30 9.62 12.96
CA LEU D 314 -6.31 8.72 14.10
C LEU D 314 -6.21 7.25 13.75
N ARG D 315 -6.24 6.87 12.48
CA ARG D 315 -6.08 5.47 12.13
C ARG D 315 -4.62 5.05 12.23
N THR D 316 -4.42 3.76 12.50
CA THR D 316 -3.08 3.19 12.59
C THR D 316 -3.21 1.69 12.44
N THR D 317 -2.07 1.00 12.47
CA THR D 317 -2.02 -0.45 12.39
C THR D 317 -1.35 -1.00 13.64
N GLY D 318 -1.83 -2.14 14.09
CA GLY D 318 -1.28 -2.77 15.28
C GLY D 318 -1.74 -4.18 15.50
N ASP D 319 -0.86 -5.03 16.02
CA ASP D 319 -1.18 -6.42 16.30
C ASP D 319 -1.80 -6.54 17.69
N LEU D 320 -3.01 -6.00 17.81
CA LEU D 320 -3.75 -6.14 19.05
C LEU D 320 -4.02 -7.62 19.32
N GLU D 321 -4.03 -7.99 20.60
CA GLU D 321 -4.26 -9.35 21.06
C GLU D 321 -3.13 -10.30 20.70
N ASN D 322 -1.97 -9.75 20.32
CA ASN D 322 -0.72 -10.51 20.19
C ASN D 322 -0.77 -11.61 19.14
N THR D 323 -1.88 -11.72 18.42
CA THR D 323 -1.90 -12.61 17.27
C THR D 323 -1.05 -12.02 16.15
N THR D 324 -0.61 -12.89 15.24
CA THR D 324 0.26 -12.45 14.15
C THR D 324 -0.42 -11.43 13.25
N LYS D 325 -1.74 -11.36 13.26
CA LYS D 325 -2.46 -10.43 12.40
C LYS D 325 -2.22 -8.98 12.82
N VAL D 326 -2.18 -8.10 11.84
CA VAL D 326 -2.10 -6.66 12.07
C VAL D 326 -3.44 -6.04 11.70
N GLN D 327 -3.99 -5.25 12.62
CA GLN D 327 -5.32 -4.70 12.45
C GLN D 327 -5.24 -3.20 12.23
N CYS D 328 -6.05 -2.70 11.30
CA CYS D 328 -6.14 -1.27 11.00
C CYS D 328 -7.27 -0.71 11.85
N TYR D 329 -6.91 0.02 12.91
CA TYR D 329 -7.87 0.48 13.90
C TYR D 329 -7.64 1.96 14.20
N MET D 330 -8.69 2.60 14.70
CA MET D 330 -8.62 4.01 15.08
C MET D 330 -8.03 4.11 16.48
N ASP D 331 -6.85 4.72 16.60
CA ASP D 331 -6.16 4.83 17.87
C ASP D 331 -6.45 6.20 18.48
N TYR D 332 -7.01 6.21 19.68
CA TYR D 332 -7.34 7.44 20.38
C TYR D 332 -6.34 7.75 21.49
N SER D 333 -5.27 6.97 21.61
CA SER D 333 -4.27 7.23 22.64
C SER D 333 -3.51 8.53 22.38
N MET D 334 -3.54 9.04 21.15
CA MET D 334 -2.83 10.28 20.84
C MET D 334 -3.55 11.49 21.41
N VAL D 335 -4.88 11.51 21.31
CA VAL D 335 -5.67 12.69 21.67
C VAL D 335 -6.54 12.42 22.90
N ALA D 336 -6.28 11.35 23.65
CA ALA D 336 -7.11 11.02 24.79
C ALA D 336 -6.30 10.23 25.80
N THR D 337 -6.84 10.14 27.00
CA THR D 337 -6.24 9.39 28.09
C THR D 337 -6.76 7.96 28.07
N VAL D 338 -6.50 7.20 29.13
CA VAL D 338 -6.92 5.81 29.19
C VAL D 338 -8.45 5.71 29.22
N SER D 339 -9.10 6.61 29.95
CA SER D 339 -10.54 6.56 30.12
C SER D 339 -11.29 7.32 29.03
N SER D 340 -10.85 8.54 28.72
CA SER D 340 -11.53 9.39 27.75
C SER D 340 -11.50 8.83 26.33
N GLU D 341 -10.89 7.67 26.12
CA GLU D 341 -10.91 7.04 24.80
C GLU D 341 -12.34 6.75 24.35
N TRP D 342 -13.18 6.26 25.25
CA TRP D 342 -14.58 6.01 24.91
C TRP D 342 -15.30 7.32 24.60
N ALA D 343 -14.98 8.39 25.34
CA ALA D 343 -15.60 9.68 25.05
C ALA D 343 -15.23 10.17 23.67
N TRP D 344 -13.95 10.06 23.30
CA TRP D 344 -13.53 10.48 21.96
C TRP D 344 -14.19 9.62 20.89
N GLU D 345 -14.27 8.31 21.11
CA GLU D 345 -14.89 7.43 20.12
C GLU D 345 -16.36 7.75 19.94
N VAL D 346 -17.09 7.94 21.05
CA VAL D 346 -18.51 8.23 20.94
C VAL D 346 -18.75 9.58 20.31
N GLY D 347 -17.92 10.58 20.64
CA GLY D 347 -18.08 11.88 20.03
C GLY D 347 -17.84 11.85 18.53
N LEU D 348 -16.75 11.20 18.11
CA LEU D 348 -16.46 11.10 16.68
C LEU D 348 -17.55 10.33 15.95
N GLY D 349 -17.99 9.20 16.51
CA GLY D 349 -19.03 8.43 15.85
C GLY D 349 -20.35 9.16 15.74
N VAL D 350 -20.76 9.82 16.82
CA VAL D 350 -22.03 10.54 16.81
C VAL D 350 -21.97 11.73 15.87
N SER D 351 -20.84 12.45 15.85
CA SER D 351 -20.71 13.58 14.93
C SER D 351 -20.71 13.10 13.47
N SER D 352 -20.02 12.01 13.19
CA SER D 352 -20.01 11.45 11.84
C SER D 352 -21.42 11.04 11.43
N THR D 353 -22.12 10.33 12.30
CA THR D 353 -23.48 9.90 11.99
C THR D 353 -24.39 11.11 11.78
N THR D 354 -24.29 12.12 12.64
CA THR D 354 -25.08 13.32 12.48
C THR D 354 -24.85 13.96 11.13
N VAL D 355 -23.63 14.42 10.87
CA VAL D 355 -23.36 15.21 9.67
C VAL D 355 -23.32 14.35 8.40
N GLY D 356 -23.40 13.03 8.53
CA GLY D 356 -23.43 12.20 7.34
C GLY D 356 -24.78 11.61 7.01
N PHE D 357 -25.65 11.44 8.01
CA PHE D 357 -26.99 10.92 7.76
C PHE D 357 -28.08 11.85 8.25
N VAL D 358 -28.00 12.34 9.49
CA VAL D 358 -29.17 12.94 10.13
C VAL D 358 -29.47 14.32 9.55
N VAL D 359 -28.50 15.25 9.66
CA VAL D 359 -28.71 16.59 9.14
C VAL D 359 -28.95 16.60 7.64
N PRO D 360 -28.10 15.95 6.80
CA PRO D 360 -28.42 15.97 5.37
C PRO D 360 -29.78 15.38 5.06
N PHE D 361 -30.20 14.33 5.77
CA PHE D 361 -31.49 13.74 5.49
C PHE D 361 -32.65 14.56 6.05
N THR D 362 -32.46 15.36 7.11
CA THR D 362 -33.57 16.21 7.50
C THR D 362 -33.74 17.36 6.51
N ILE D 363 -32.64 17.91 5.98
CA ILE D 363 -32.80 18.87 4.89
C ILE D 363 -33.48 18.22 3.69
N MET D 364 -33.04 17.00 3.34
CA MET D 364 -33.63 16.31 2.20
C MET D 364 -35.11 16.02 2.42
N LEU D 365 -35.49 15.64 3.64
CA LEU D 365 -36.88 15.31 3.91
C LEU D 365 -37.76 16.55 3.93
N THR D 366 -37.26 17.67 4.46
CA THR D 366 -38.03 18.90 4.36
C THR D 366 -38.21 19.32 2.91
N CYS D 367 -37.13 19.21 2.10
CA CYS D 367 -37.23 19.52 0.69
C CYS D 367 -38.28 18.63 0.01
N TYR D 368 -38.24 17.33 0.30
CA TYR D 368 -39.17 16.40 -0.33
C TYR D 368 -40.59 16.62 0.14
N PHE D 369 -40.78 16.99 1.40
CA PHE D 369 -42.13 17.30 1.89
C PHE D 369 -42.70 18.51 1.15
N PHE D 370 -41.89 19.55 0.97
CA PHE D 370 -42.36 20.71 0.23
C PHE D 370 -42.63 20.38 -1.24
N ILE D 371 -41.76 19.57 -1.85
CA ILE D 371 -41.97 19.16 -3.24
C ILE D 371 -43.27 18.37 -3.37
N ALA D 372 -43.50 17.44 -2.44
CA ALA D 372 -44.72 16.63 -2.51
C ALA D 372 -45.96 17.48 -2.33
N GLN D 373 -45.91 18.44 -1.39
CA GLN D 373 -47.04 19.34 -1.19
C GLN D 373 -47.33 20.15 -2.45
N THR D 374 -46.29 20.71 -3.06
CA THR D 374 -46.48 21.52 -4.25
C THR D 374 -46.96 20.67 -5.44
N ILE D 375 -46.45 19.44 -5.57
CA ILE D 375 -46.90 18.56 -6.64
C ILE D 375 -48.37 18.20 -6.46
N ALA D 376 -48.78 17.90 -5.22
CA ALA D 376 -50.19 17.62 -4.97
C ALA D 376 -51.06 18.83 -5.27
N GLY D 377 -50.60 20.02 -4.91
CA GLY D 377 -51.36 21.22 -5.21
C GLY D 377 -51.46 21.51 -6.69
N HIS D 378 -50.37 21.29 -7.43
CA HIS D 378 -50.30 21.60 -8.85
C HIS D 378 -50.76 20.46 -9.75
N PHE D 379 -51.19 19.33 -9.17
CA PHE D 379 -51.74 18.25 -9.97
C PHE D 379 -52.93 18.71 -10.81
N ARG D 380 -53.62 19.75 -10.37
CA ARG D 380 -54.71 20.35 -11.13
C ARG D 380 -54.24 21.51 -12.01
N LYS D 381 -52.94 21.74 -12.10
CA LYS D 381 -52.40 22.90 -12.81
C LYS D 381 -51.10 22.47 -13.49
N GLU D 382 -50.31 23.47 -13.91
CA GLU D 382 -48.97 23.28 -14.45
C GLU D 382 -49.01 22.63 -15.83
N ARG D 383 -47.85 22.34 -16.41
CA ARG D 383 -47.73 21.89 -17.78
C ARG D 383 -47.33 20.41 -17.82
N ILE D 384 -47.90 19.68 -18.77
CA ILE D 384 -47.70 18.23 -18.82
C ILE D 384 -46.25 17.89 -19.16
N GLU D 385 -45.65 18.59 -20.12
CA GLU D 385 -44.27 18.27 -20.51
C GLU D 385 -43.29 18.60 -19.40
N GLY D 386 -43.43 19.78 -18.78
CA GLY D 386 -42.60 20.09 -17.63
C GLY D 386 -42.84 19.13 -16.49
N LEU D 387 -44.09 18.70 -16.31
CA LEU D 387 -44.39 17.70 -15.30
C LEU D 387 -43.64 16.40 -15.57
N ARG D 388 -43.60 15.97 -16.83
CA ARG D 388 -42.89 14.75 -17.17
C ARG D 388 -41.38 14.88 -16.94
N LYS D 389 -40.79 16.01 -17.33
CA LYS D 389 -39.36 16.19 -17.13
C LYS D 389 -39.00 16.24 -15.65
N ARG D 390 -39.76 17.02 -14.88
CA ARG D 390 -39.53 17.08 -13.44
C ARG D 390 -39.78 15.74 -12.78
N ARG D 391 -40.76 14.97 -13.28
CA ARG D 391 -41.00 13.63 -12.77
C ARG D 391 -39.80 12.74 -13.03
N ARG D 392 -39.21 12.82 -14.22
CA ARG D 392 -38.02 12.05 -14.54
C ARG D 392 -36.89 12.35 -13.55
N LEU D 393 -36.56 13.63 -13.41
CA LEU D 393 -35.42 14.00 -12.56
C LEU D 393 -35.70 13.71 -11.10
N LEU D 394 -36.88 14.08 -10.61
CA LEU D 394 -37.25 13.81 -9.23
C LEU D 394 -37.29 12.32 -8.94
N SER D 395 -37.72 11.51 -9.91
CA SER D 395 -37.78 10.08 -9.70
C SER D 395 -36.40 9.48 -9.56
N ILE D 396 -35.48 9.82 -10.46
CA ILE D 396 -34.13 9.26 -10.34
C ILE D 396 -33.46 9.76 -9.05
N ILE D 397 -33.69 11.02 -8.71
CA ILE D 397 -33.06 11.59 -7.51
C ILE D 397 -33.61 10.95 -6.25
N VAL D 398 -34.93 10.72 -6.20
CA VAL D 398 -35.55 10.08 -5.05
C VAL D 398 -35.12 8.63 -4.94
N VAL D 399 -34.98 7.95 -6.07
CA VAL D 399 -34.48 6.57 -6.04
C VAL D 399 -33.08 6.53 -5.46
N LEU D 400 -32.21 7.45 -5.90
CA LEU D 400 -30.86 7.50 -5.36
C LEU D 400 -30.87 7.78 -3.86
N VAL D 401 -31.70 8.73 -3.42
CA VAL D 401 -31.76 9.10 -2.02
C VAL D 401 -32.23 7.92 -1.17
N VAL D 402 -33.27 7.23 -1.64
CA VAL D 402 -33.83 6.12 -0.88
C VAL D 402 -32.85 4.95 -0.83
N THR D 403 -32.17 4.68 -1.95
CA THR D 403 -31.17 3.62 -1.96
C THR D 403 -30.03 3.93 -1.00
N PHE D 404 -29.56 5.18 -1.00
CA PHE D 404 -28.52 5.59 -0.05
C PHE D 404 -29.00 5.43 1.38
N ALA D 405 -30.27 5.79 1.64
CA ALA D 405 -30.82 5.63 2.98
C ALA D 405 -30.81 4.17 3.40
N LEU D 406 -31.34 3.28 2.55
CA LEU D 406 -31.40 1.87 2.92
C LEU D 406 -30.01 1.26 3.06
N CYS D 407 -29.04 1.77 2.31
CA CYS D 407 -27.71 1.18 2.34
C CYS D 407 -26.83 1.71 3.48
N TRP D 408 -27.03 2.95 3.91
CA TRP D 408 -26.22 3.52 4.98
C TRP D 408 -26.96 3.65 6.30
N MET D 409 -28.23 3.24 6.37
CA MET D 409 -28.95 3.35 7.63
C MET D 409 -28.62 2.21 8.59
N PRO D 410 -28.49 0.96 8.14
CA PRO D 410 -28.04 -0.09 9.08
C PRO D 410 -26.70 0.22 9.73
N TYR D 411 -25.75 0.74 8.96
CA TYR D 411 -24.42 1.01 9.48
C TYR D 411 -24.48 2.06 10.58
N HIS D 412 -25.11 3.20 10.29
CA HIS D 412 -25.22 4.27 11.28
C HIS D 412 -26.07 3.83 12.47
N LEU D 413 -27.10 3.03 12.21
CA LEU D 413 -27.97 2.57 13.28
C LEU D 413 -27.22 1.68 14.26
N VAL D 414 -26.42 0.74 13.75
CA VAL D 414 -25.67 -0.15 14.63
C VAL D 414 -24.56 0.63 15.34
N LYS D 415 -23.91 1.55 14.63
CA LYS D 415 -22.90 2.39 15.27
C LYS D 415 -23.50 3.17 16.44
N THR D 416 -24.64 3.82 16.22
CA THR D 416 -25.25 4.62 17.26
C THR D 416 -25.85 3.76 18.36
N LEU D 417 -26.31 2.55 18.04
CA LEU D 417 -26.77 1.64 19.09
C LEU D 417 -25.62 1.23 19.98
N TYR D 418 -24.45 0.98 19.41
CA TYR D 418 -23.25 0.70 20.21
C TYR D 418 -22.91 1.89 21.10
N MET D 419 -22.93 3.09 20.53
CA MET D 419 -22.62 4.30 21.31
C MET D 419 -23.61 4.48 22.46
N LEU D 420 -24.90 4.27 22.18
CA LEU D 420 -25.93 4.44 23.21
C LEU D 420 -25.90 3.32 24.23
N GLY D 421 -25.43 2.13 23.84
CA GLY D 421 -25.24 1.06 24.80
C GLY D 421 -24.04 1.26 25.69
N SER D 422 -23.07 2.07 25.24
CA SER D 422 -22.02 2.49 26.15
C SER D 422 -22.60 3.26 27.35
N LEU D 423 -23.76 3.90 27.17
CA LEU D 423 -24.41 4.67 28.23
C LEU D 423 -25.48 3.86 28.96
N LEU D 424 -26.48 3.38 28.23
CA LEU D 424 -27.61 2.66 28.81
C LEU D 424 -27.24 1.28 29.32
N HIS D 425 -26.02 0.81 29.06
CA HIS D 425 -25.54 -0.48 29.53
C HIS D 425 -26.42 -1.62 29.02
N TRP D 426 -26.39 -1.80 27.71
CA TRP D 426 -27.12 -2.91 27.10
C TRP D 426 -26.56 -4.23 27.62
N PRO D 427 -27.36 -5.28 27.64
CA PRO D 427 -26.81 -6.60 28.01
C PRO D 427 -25.73 -7.02 27.03
N CYS D 428 -24.78 -7.81 27.53
CA CYS D 428 -23.63 -8.21 26.73
C CYS D 428 -24.06 -8.95 25.46
N ASP D 429 -25.16 -9.69 25.53
CA ASP D 429 -25.64 -10.42 24.35
C ASP D 429 -25.93 -9.46 23.20
N PHE D 430 -26.61 -8.34 23.49
CA PHE D 430 -26.92 -7.38 22.43
C PHE D 430 -25.67 -6.73 21.88
N ASP D 431 -24.71 -6.41 22.75
CA ASP D 431 -23.47 -5.81 22.27
C ASP D 431 -22.70 -6.76 21.36
N LEU D 432 -22.61 -8.04 21.75
CA LEU D 432 -21.96 -9.03 20.90
C LEU D 432 -22.70 -9.19 19.58
N PHE D 433 -24.04 -9.16 19.62
CA PHE D 433 -24.83 -9.23 18.41
C PHE D 433 -24.50 -8.07 17.49
N LEU D 434 -24.43 -6.85 18.04
CA LEU D 434 -24.08 -5.69 17.23
C LEU D 434 -22.68 -5.82 16.64
N MET D 435 -21.73 -6.29 17.45
CA MET D 435 -20.37 -6.49 16.97
C MET D 435 -20.36 -7.42 15.77
N ASN D 436 -21.13 -8.50 15.86
CA ASN D 436 -21.12 -9.50 14.80
C ASN D 436 -21.87 -9.04 13.56
N ILE D 437 -22.94 -8.26 13.70
CA ILE D 437 -23.70 -7.85 12.52
C ILE D 437 -23.01 -6.69 11.81
N PHE D 438 -22.23 -5.89 12.51
CA PHE D 438 -21.62 -4.70 11.91
C PHE D 438 -20.86 -4.96 10.61
N PRO D 439 -20.09 -6.04 10.45
CA PRO D 439 -19.44 -6.26 9.14
C PRO D 439 -20.41 -6.29 7.97
N TYR D 440 -21.61 -6.84 8.17
CA TYR D 440 -22.59 -6.88 7.08
C TYR D 440 -23.15 -5.50 6.78
N CYS D 441 -23.33 -4.68 7.82
CA CYS D 441 -23.73 -3.30 7.59
C CYS D 441 -22.67 -2.53 6.82
N THR D 442 -21.40 -2.77 7.16
CA THR D 442 -20.29 -2.20 6.40
C THR D 442 -20.35 -2.65 4.95
N CYS D 443 -20.62 -3.94 4.73
CA CYS D 443 -20.68 -4.47 3.38
C CYS D 443 -21.78 -3.81 2.55
N ILE D 444 -22.97 -3.65 3.14
CA ILE D 444 -24.07 -3.04 2.38
C ILE D 444 -23.79 -1.55 2.13
N SER D 445 -23.17 -0.88 3.11
CA SER D 445 -22.77 0.50 2.89
C SER D 445 -21.80 0.62 1.73
N TYR D 446 -20.92 -0.36 1.57
CA TYR D 446 -20.01 -0.36 0.43
C TYR D 446 -20.76 -0.67 -0.86
N VAL D 447 -21.74 -1.58 -0.81
CA VAL D 447 -22.52 -1.96 -2.00
C VAL D 447 -23.25 -0.75 -2.56
N ASN D 448 -23.61 0.19 -1.68
CA ASN D 448 -24.19 1.44 -2.16
C ASN D 448 -23.32 2.11 -3.21
N SER D 449 -22.00 1.99 -3.08
CA SER D 449 -21.08 2.68 -3.99
C SER D 449 -21.17 2.15 -5.42
N CYS D 450 -21.73 0.95 -5.62
CA CYS D 450 -21.92 0.43 -6.97
C CYS D 450 -23.37 0.37 -7.39
N LEU D 451 -24.32 0.46 -6.45
CA LEU D 451 -25.73 0.38 -6.82
C LEU D 451 -26.18 1.56 -7.68
N ASN D 452 -25.51 2.71 -7.61
CA ASN D 452 -26.02 3.92 -8.25
C ASN D 452 -26.08 3.84 -9.78
N PRO D 453 -25.04 3.40 -10.50
CA PRO D 453 -25.13 3.39 -11.97
C PRO D 453 -26.28 2.56 -12.51
N PHE D 454 -26.60 1.44 -11.85
CA PHE D 454 -27.74 0.65 -12.30
C PHE D 454 -29.04 1.41 -12.11
N LEU D 455 -29.14 2.20 -11.03
CA LEU D 455 -30.31 3.07 -10.86
C LEU D 455 -30.37 4.12 -11.95
N TYR D 456 -29.21 4.64 -12.36
CA TYR D 456 -29.18 5.59 -13.47
C TYR D 456 -29.62 4.92 -14.78
N ALA D 457 -29.36 3.63 -14.92
CA ALA D 457 -29.61 2.93 -16.17
C ALA D 457 -31.02 2.36 -16.27
N PHE D 458 -31.86 2.54 -15.24
CA PHE D 458 -33.23 2.04 -15.27
C PHE D 458 -34.29 3.11 -15.12
N PHE D 459 -34.00 4.20 -14.41
CA PHE D 459 -34.96 5.28 -14.24
C PHE D 459 -34.67 6.49 -15.11
N ASP D 460 -33.46 6.61 -15.65
CA ASP D 460 -33.11 7.71 -16.55
C ASP D 460 -32.79 7.15 -17.93
N PRO D 461 -33.73 7.21 -18.87
CA PRO D 461 -33.43 6.75 -20.24
C PRO D 461 -32.30 7.52 -20.91
N ARG D 462 -31.97 8.72 -20.44
CA ARG D 462 -30.85 9.46 -20.99
C ARG D 462 -29.55 8.67 -20.89
N PHE D 463 -29.30 8.08 -19.73
CA PHE D 463 -28.08 7.29 -19.54
C PHE D 463 -28.11 6.01 -20.38
N ARG D 464 -29.30 5.44 -20.60
CA ARG D 464 -29.39 4.21 -21.37
C ARG D 464 -29.02 4.44 -22.83
N GLN D 465 -29.56 5.50 -23.44
CA GLN D 465 -29.26 5.78 -24.84
C GLN D 465 -27.80 6.13 -25.05
N ALA D 466 -27.24 6.94 -24.16
CA ALA D 466 -25.84 7.37 -24.28
C ALA D 466 -24.90 6.29 -23.73
#